data_4YO0
#
_entry.id   4YO0
#
_cell.length_a   42.180
_cell.length_b   80.010
_cell.length_c   132.520
_cell.angle_alpha   90.00
_cell.angle_beta   96.61
_cell.angle_gamma   90.00
#
_symmetry.space_group_name_H-M   'P 1 21 1'
#
loop_
_entity.id
_entity.type
_entity.pdbx_description
1 polymer 'Heavy chain of antigen binding fragment, Fab'
2 polymer 'Light chain of antigen binding fragment, Fab'
3 polymer 'PA14 peptide'
4 non-polymer 1,2-ETHANEDIOL
5 water water
#
loop_
_entity_poly.entity_id
_entity_poly.type
_entity_poly.pdbx_seq_one_letter_code
_entity_poly.pdbx_strand_id
1 'polypeptide(L)'
;MDFRLSLAFLVLLIKGVQCEVQLVESGGGLVQPGRSLKLSCAASGFTFSNYGMAWVRQTPTKGLEWIASISAGGDKTYYG
DSVKGRFSISRDNAKTTHYLQMDSLRSEDTATYYCAKTSRVYFDYWGQGVMVTVSSAETTAPSVYPLAPGTALKSNSMVT
LGCLVKGYFPEPVTVTWNSGALSSGVHTFPAVLQSGLYTLTSSVTVPSSTWSSQAVTCNVAHPASSTKVDKKIVPREC
;
A,C
2 'polypeptide(L)'
;MTWTLLFLAFLHHLTGSCA(PCA)FVLTQPNSVSTNLGSTVKLSCKRSTGNIGSNYVNWYQQHEGRSPTTMIYRDDKRPD
GVPDRFSGSIDRSSNSALLTINNVQTEDEADYFCHSYSSGIVFGGGTKLTVLGQPKSTPTLTVFPPSTEELQGNKATLVC
LISDFYPSDVEVAWKANGAPISQGVDTANPTKQGNKYIASSFLRLTAEQWRSRNSFTCQVTHEGNTVEKSLSPAECV
;
B,D
3 'polypeptide(L)' EGGVAMPGAEDDVV E,F
#
loop_
_chem_comp.id
_chem_comp.type
_chem_comp.name
_chem_comp.formula
EDO non-polymer 1,2-ETHANEDIOL 'C2 H6 O2'
#
# COMPACT_ATOMS: atom_id res chain seq x y z
N GLU A 20 -18.95 26.66 -3.75
CA GLU A 20 -17.49 26.53 -3.74
C GLU A 20 -16.93 25.60 -4.84
N VAL A 21 -16.37 26.23 -5.89
CA VAL A 21 -15.94 25.50 -7.08
C VAL A 21 -14.92 24.44 -6.69
N GLN A 22 -15.15 23.21 -7.14
CA GLN A 22 -14.24 22.14 -6.83
C GLN A 22 -14.06 21.41 -8.13
N LEU A 23 -12.81 21.13 -8.47
CA LEU A 23 -12.41 20.39 -9.64
C LEU A 23 -11.45 19.32 -9.14
N VAL A 24 -11.89 18.05 -9.12
CA VAL A 24 -11.08 17.02 -8.48
C VAL A 24 -10.66 16.02 -9.54
N GLU A 25 -9.35 15.96 -9.82
CA GLU A 25 -8.81 15.10 -10.85
C GLU A 25 -8.41 13.76 -10.27
N SER A 26 -8.52 12.72 -11.11
CA SER A 26 -8.10 11.37 -10.78
C SER A 26 -7.68 10.64 -12.05
N GLY A 27 -7.00 9.51 -11.85
CA GLY A 27 -6.63 8.68 -12.96
C GLY A 27 -5.18 8.74 -13.42
N GLY A 28 -4.34 9.51 -12.77
CA GLY A 28 -2.95 9.56 -13.17
C GLY A 28 -2.14 8.40 -12.62
N GLY A 29 -0.83 8.54 -12.72
CA GLY A 29 0.04 7.47 -12.30
C GLY A 29 1.03 7.17 -13.40
N LEU A 30 1.58 5.97 -13.38
CA LEU A 30 2.62 5.52 -14.28
C LEU A 30 1.99 4.67 -15.37
N VAL A 31 2.37 4.91 -16.63
CA VAL A 31 1.84 4.13 -17.75
C VAL A 31 2.98 3.82 -18.73
N GLN A 32 2.87 2.65 -19.44
CA GLN A 32 3.93 2.29 -20.39
C GLN A 32 3.74 3.05 -21.68
N PRO A 33 4.82 3.37 -22.40
CA PRO A 33 4.67 3.94 -23.74
C PRO A 33 3.82 3.08 -24.65
N GLY A 34 3.04 3.79 -25.47
CA GLY A 34 2.15 3.17 -26.43
C GLY A 34 0.82 2.79 -25.84
N ARG A 35 0.67 2.84 -24.52
N ARG A 35 0.66 2.79 -24.52
CA ARG A 35 -0.58 2.57 -23.82
CA ARG A 35 -0.63 2.50 -23.94
C ARG A 35 -1.42 3.82 -23.61
C ARG A 35 -1.51 3.75 -23.85
N SER A 36 -2.67 3.60 -23.19
CA SER A 36 -3.69 4.64 -23.06
C SER A 36 -3.96 4.92 -21.60
N LEU A 37 -4.48 6.12 -21.31
CA LEU A 37 -4.87 6.46 -19.95
C LEU A 37 -6.05 7.43 -20.06
N LYS A 38 -7.04 7.36 -19.18
N LYS A 38 -7.04 7.29 -19.16
CA LYS A 38 -8.10 8.37 -19.22
CA LYS A 38 -8.16 8.23 -19.03
C LYS A 38 -8.24 9.09 -17.88
C LYS A 38 -8.02 9.07 -17.76
N LEU A 39 -7.98 10.40 -17.89
CA LEU A 39 -8.04 11.26 -16.70
C LEU A 39 -9.47 11.74 -16.54
N SER A 40 -9.89 11.91 -15.27
CA SER A 40 -11.22 12.39 -14.93
C SER A 40 -11.09 13.66 -14.12
N CYS A 41 -12.07 14.53 -14.29
CA CYS A 41 -12.15 15.77 -13.53
C CYS A 41 -13.60 15.91 -13.07
N ALA A 42 -13.84 15.64 -11.79
CA ALA A 42 -15.17 15.65 -11.20
C ALA A 42 -15.43 17.06 -10.71
N ALA A 43 -16.45 17.70 -11.26
CA ALA A 43 -16.73 19.08 -10.96
C ALA A 43 -17.94 19.21 -10.05
N SER A 44 -17.93 20.28 -9.28
CA SER A 44 -19.07 20.54 -8.39
C SER A 44 -18.91 21.95 -7.86
N GLY A 45 -19.93 22.41 -7.17
CA GLY A 45 -19.83 23.69 -6.50
C GLY A 45 -20.06 24.87 -7.41
N PHE A 46 -20.65 24.62 -8.57
CA PHE A 46 -21.04 25.56 -9.61
C PHE A 46 -21.87 24.77 -10.63
N THR A 47 -22.62 25.48 -11.48
CA THR A 47 -23.48 24.84 -12.47
C THR A 47 -22.64 24.28 -13.59
N PHE A 48 -22.45 22.98 -13.55
CA PHE A 48 -21.48 22.36 -14.43
C PHE A 48 -21.73 22.67 -15.91
N SER A 49 -22.96 22.46 -16.41
CA SER A 49 -23.40 22.71 -17.81
C SER A 49 -23.42 24.20 -18.26
N ASN A 50 -23.08 25.18 -17.42
CA ASN A 50 -23.03 26.58 -17.89
C ASN A 50 -21.64 27.04 -18.37
N TYR A 51 -20.62 26.19 -18.32
CA TYR A 51 -19.23 26.56 -18.57
C TYR A 51 -18.46 25.50 -19.32
N GLY A 52 -17.63 25.94 -20.25
CA GLY A 52 -16.62 25.06 -20.86
C GLY A 52 -15.57 24.61 -19.87
N MET A 53 -14.79 23.64 -20.32
N MET A 53 -14.74 23.73 -20.38
CA MET A 53 -13.68 23.07 -19.54
CA MET A 53 -13.67 23.14 -19.62
C MET A 53 -12.49 22.75 -20.43
C MET A 53 -12.47 23.01 -20.51
N ALA A 54 -11.29 22.92 -19.87
CA ALA A 54 -10.08 22.69 -20.64
C ALA A 54 -9.14 21.77 -19.87
N TRP A 55 -8.23 21.17 -20.63
CA TRP A 55 -7.09 20.47 -20.04
C TRP A 55 -5.81 21.18 -20.45
N VAL A 56 -4.90 21.33 -19.48
CA VAL A 56 -3.64 22.03 -19.65
C VAL A 56 -2.60 21.20 -18.95
N ARG A 57 -1.45 20.98 -19.58
CA ARG A 57 -0.38 20.23 -18.88
C ARG A 57 0.83 21.13 -18.60
N GLN A 58 1.65 20.67 -17.65
CA GLN A 58 2.80 21.46 -17.18
C GLN A 58 4.04 20.60 -17.04
N THR A 59 5.18 21.15 -17.48
CA THR A 59 6.51 20.58 -17.21
C THR A 59 7.44 21.73 -16.88
N PRO A 60 8.56 21.45 -16.23
CA PRO A 60 9.51 22.56 -16.02
C PRO A 60 10.10 23.11 -17.31
N THR A 61 10.30 22.28 -18.33
CA THR A 61 10.94 22.73 -19.56
C THR A 61 9.97 23.31 -20.56
N LYS A 62 8.74 22.82 -20.64
CA LYS A 62 7.83 23.39 -21.62
C LYS A 62 6.75 24.26 -21.01
N GLY A 63 6.74 24.49 -19.70
CA GLY A 63 5.77 25.40 -19.07
C GLY A 63 4.34 24.84 -19.13
N LEU A 64 3.37 25.74 -19.22
CA LEU A 64 1.94 25.36 -19.41
C LEU A 64 1.62 25.22 -20.89
N GLU A 65 0.99 24.10 -21.28
CA GLU A 65 0.60 23.88 -22.67
C GLU A 65 -0.88 23.56 -22.67
N TRP A 66 -1.68 24.33 -23.44
CA TRP A 66 -3.11 23.98 -23.58
C TRP A 66 -3.25 22.73 -24.45
N ILE A 67 -4.01 21.75 -23.99
CA ILE A 67 -4.21 20.50 -24.75
CA ILE A 67 -4.23 20.48 -24.73
C ILE A 67 -5.53 20.53 -25.50
N ALA A 68 -6.60 20.90 -24.82
CA ALA A 68 -7.93 20.84 -25.45
C ALA A 68 -8.94 21.61 -24.63
N SER A 69 -10.03 22.08 -25.28
CA SER A 69 -11.17 22.64 -24.59
C SER A 69 -12.46 22.03 -25.13
N ILE A 70 -13.49 22.00 -24.27
CA ILE A 70 -14.82 21.54 -24.72
C ILE A 70 -15.87 22.58 -24.25
N SER A 71 -16.89 22.87 -25.10
CA SER A 71 -17.81 23.96 -24.78
C SER A 71 -18.79 23.59 -23.68
N ALA A 72 -19.52 24.62 -23.20
CA ALA A 72 -20.51 24.41 -22.15
C ALA A 72 -21.55 23.33 -22.52
N GLY A 73 -22.03 23.36 -23.73
CA GLY A 73 -22.93 22.22 -24.03
C GLY A 73 -22.36 20.87 -24.44
N GLY A 74 -21.08 20.61 -24.32
CA GLY A 74 -20.34 19.46 -24.67
C GLY A 74 -20.28 19.14 -26.16
N ASP A 75 -20.74 20.04 -27.03
CA ASP A 75 -20.91 19.69 -28.43
C ASP A 75 -19.82 20.27 -29.36
N LYS A 76 -18.91 21.10 -28.84
CA LYS A 76 -17.85 21.72 -29.63
C LYS A 76 -16.53 21.48 -28.94
N THR A 77 -15.54 20.97 -29.68
CA THR A 77 -14.24 20.73 -29.09
C THR A 77 -13.14 21.42 -29.90
N TYR A 78 -12.08 21.77 -29.19
CA TYR A 78 -10.96 22.52 -29.76
C TYR A 78 -9.65 21.91 -29.26
N TYR A 79 -8.74 21.59 -30.18
CA TYR A 79 -7.50 20.94 -29.79
C TYR A 79 -6.30 21.87 -30.05
N GLY A 80 -5.38 21.85 -29.15
CA GLY A 80 -4.11 22.56 -29.30
C GLY A 80 -3.08 21.74 -30.07
N ASP A 81 -2.12 22.43 -30.67
CA ASP A 81 -1.14 21.78 -31.51
C ASP A 81 -0.01 21.09 -30.72
N SER A 82 -0.03 21.13 -29.41
CA SER A 82 1.08 20.51 -28.69
CA SER A 82 1.05 20.52 -28.62
C SER A 82 1.03 19.00 -28.74
N VAL A 83 -0.18 18.42 -29.00
CA VAL A 83 -0.37 17.00 -29.11
C VAL A 83 -1.20 16.84 -30.38
N LYS A 84 -0.70 16.02 -31.30
CA LYS A 84 -1.24 16.01 -32.66
C LYS A 84 -2.47 15.07 -32.80
N GLY A 85 -3.42 15.34 -31.91
CA GLY A 85 -4.73 14.65 -31.92
C GLY A 85 -4.77 13.37 -31.12
N ARG A 86 -3.67 12.99 -30.47
CA ARG A 86 -3.67 11.72 -29.77
C ARG A 86 -4.53 11.78 -28.52
N PHE A 87 -4.82 12.98 -28.01
CA PHE A 87 -5.64 13.11 -26.81
C PHE A 87 -7.01 13.63 -27.25
N SER A 88 -8.09 13.12 -26.65
CA SER A 88 -9.44 13.59 -27.03
C SER A 88 -10.17 13.91 -25.75
N ILE A 89 -11.02 14.92 -25.81
CA ILE A 89 -11.71 15.47 -24.64
C ILE A 89 -13.21 15.15 -24.75
N SER A 90 -13.83 14.81 -23.61
CA SER A 90 -15.27 14.50 -23.55
C SER A 90 -15.82 14.90 -22.17
N ARG A 91 -17.14 14.83 -22.02
CA ARG A 91 -17.77 15.13 -20.74
CA ARG A 91 -17.77 15.11 -20.74
C ARG A 91 -19.04 14.31 -20.61
N ASP A 92 -19.45 14.12 -19.34
CA ASP A 92 -20.68 13.39 -18.98
C ASP A 92 -21.41 14.34 -18.06
N ASN A 93 -22.41 15.07 -18.57
CA ASN A 93 -22.91 16.17 -17.75
C ASN A 93 -23.76 15.65 -16.61
N ALA A 94 -24.26 14.45 -16.72
CA ALA A 94 -25.07 13.87 -15.65
C ALA A 94 -24.22 13.46 -14.45
N LYS A 95 -23.00 13.01 -14.70
CA LYS A 95 -22.03 12.80 -13.64
C LYS A 95 -21.22 14.05 -13.32
N THR A 96 -21.53 15.17 -13.98
CA THR A 96 -20.76 16.42 -13.94
C THR A 96 -19.26 16.17 -13.91
N THR A 97 -18.78 15.42 -14.91
CA THR A 97 -17.39 15.02 -14.95
C THR A 97 -16.87 15.22 -16.35
N HIS A 98 -15.65 15.71 -16.47
CA HIS A 98 -14.91 15.86 -17.72
CA HIS A 98 -15.08 15.65 -17.80
C HIS A 98 -13.83 14.80 -17.81
N TYR A 99 -13.43 14.46 -19.05
CA TYR A 99 -12.42 13.42 -19.25
C TYR A 99 -11.43 13.80 -20.32
N LEU A 100 -10.15 13.33 -20.15
CA LEU A 100 -9.15 13.43 -21.19
C LEU A 100 -8.68 12.01 -21.49
N GLN A 101 -8.96 11.53 -22.68
CA GLN A 101 -8.54 10.20 -23.11
C GLN A 101 -7.19 10.36 -23.80
N MET A 102 -6.13 9.74 -23.23
CA MET A 102 -4.79 9.98 -23.72
C MET A 102 -4.36 8.66 -24.39
N ASP A 103 -4.28 8.64 -25.72
CA ASP A 103 -3.88 7.45 -26.43
C ASP A 103 -2.42 7.53 -26.92
N SER A 104 -1.87 6.36 -27.24
CA SER A 104 -0.54 6.25 -27.83
C SER A 104 0.48 7.09 -27.06
N LEU A 105 0.56 6.83 -25.77
CA LEU A 105 1.36 7.73 -24.94
C LEU A 105 2.86 7.58 -25.21
N ARG A 106 3.58 8.70 -25.05
CA ARG A 106 4.98 8.82 -25.37
C ARG A 106 5.70 9.35 -24.12
N SER A 107 6.98 9.03 -24.01
CA SER A 107 7.82 9.52 -22.90
C SER A 107 7.63 11.02 -22.68
N GLU A 108 7.60 11.80 -23.78
CA GLU A 108 7.49 13.26 -23.71
C GLU A 108 6.16 13.75 -23.18
N ASP A 109 5.11 12.84 -23.02
CA ASP A 109 3.87 13.25 -22.42
C ASP A 109 3.91 13.26 -20.90
N THR A 110 5.02 12.87 -20.28
CA THR A 110 5.12 12.97 -18.83
C THR A 110 4.93 14.42 -18.38
N ALA A 111 4.03 14.65 -17.41
CA ALA A 111 3.65 16.01 -17.06
C ALA A 111 2.65 15.97 -15.90
N THR A 112 2.40 17.15 -15.32
CA THR A 112 1.25 17.31 -14.44
C THR A 112 0.11 17.81 -15.31
N TYR A 113 -1.04 17.12 -15.26
CA TYR A 113 -2.22 17.47 -16.05
C TYR A 113 -3.27 18.14 -15.15
N TYR A 114 -3.72 19.31 -15.57
CA TYR A 114 -4.77 20.09 -14.88
C TYR A 114 -6.03 20.10 -15.74
N CYS A 115 -7.19 19.99 -15.12
CA CYS A 115 -8.38 20.55 -15.76
C CYS A 115 -8.59 21.97 -15.23
N ALA A 116 -9.23 22.82 -16.07
CA ALA A 116 -9.52 24.20 -15.69
C ALA A 116 -10.84 24.71 -16.26
N LYS A 117 -11.66 25.25 -15.39
CA LYS A 117 -12.94 25.79 -15.78
C LYS A 117 -12.72 27.11 -16.52
N THR A 118 -13.57 27.41 -17.51
CA THR A 118 -13.50 28.67 -18.20
C THR A 118 -14.66 29.59 -17.83
N SER A 119 -14.37 30.92 -17.98
CA SER A 119 -15.43 31.93 -17.89
C SER A 119 -15.20 32.97 -19.01
N ARG A 120 -15.56 32.55 -20.24
CA ARG A 120 -15.48 33.27 -21.50
C ARG A 120 -14.08 33.62 -21.96
N VAL A 121 -13.26 34.23 -21.10
CA VAL A 121 -12.00 34.86 -21.53
C VAL A 121 -10.80 34.46 -20.69
N TYR A 122 -10.97 33.60 -19.70
CA TYR A 122 -9.89 33.22 -18.79
C TYR A 122 -10.28 31.95 -18.06
N PHE A 123 -9.31 31.36 -17.37
CA PHE A 123 -9.50 30.12 -16.60
C PHE A 123 -9.75 30.54 -15.17
N ASP A 124 -11.00 30.40 -14.68
CA ASP A 124 -11.34 30.96 -13.39
C ASP A 124 -10.98 30.05 -12.20
N TYR A 125 -10.93 28.75 -12.42
CA TYR A 125 -10.51 27.77 -11.42
C TYR A 125 -9.76 26.62 -12.07
N TRP A 126 -8.80 26.09 -11.30
CA TRP A 126 -7.97 24.99 -11.74
C TRP A 126 -8.12 23.81 -10.80
N GLY A 127 -8.09 22.60 -11.35
CA GLY A 127 -8.01 21.40 -10.52
C GLY A 127 -6.70 21.28 -9.81
N GLN A 128 -6.58 20.24 -8.97
CA GLN A 128 -5.38 20.13 -8.13
C GLN A 128 -4.18 19.57 -8.89
N GLY A 129 -4.37 19.08 -10.12
CA GLY A 129 -3.32 18.51 -10.93
C GLY A 129 -3.13 17.03 -10.64
N VAL A 130 -2.85 16.21 -11.65
CA VAL A 130 -2.38 14.85 -11.40
C VAL A 130 -1.17 14.57 -12.27
N MET A 131 -0.22 13.81 -11.70
CA MET A 131 1.01 13.48 -12.39
CA MET A 131 1.02 13.48 -12.39
C MET A 131 0.80 12.27 -13.28
N VAL A 132 1.26 12.36 -14.53
CA VAL A 132 1.26 11.23 -15.45
C VAL A 132 2.72 11.01 -15.82
N THR A 133 3.22 9.78 -15.60
CA THR A 133 4.60 9.41 -15.94
C THR A 133 4.54 8.28 -16.95
N VAL A 134 5.13 8.52 -18.13
CA VAL A 134 5.10 7.55 -19.24
C VAL A 134 6.48 6.95 -19.33
N SER A 135 6.59 5.67 -18.93
CA SER A 135 7.92 5.10 -18.76
C SER A 135 7.83 3.59 -18.84
N SER A 136 8.79 2.98 -19.51
CA SER A 136 8.90 1.54 -19.42
C SER A 136 9.74 1.08 -18.23
N ALA A 137 10.29 1.99 -17.43
CA ALA A 137 10.87 1.54 -16.17
C ALA A 137 9.75 1.07 -15.24
N GLU A 138 10.01 0.05 -14.45
CA GLU A 138 9.07 -0.41 -13.41
C GLU A 138 8.74 0.68 -12.38
N THR A 139 7.51 0.59 -11.83
CA THR A 139 7.21 1.21 -10.56
C THR A 139 8.15 0.61 -9.52
N THR A 140 8.73 1.45 -8.68
CA THR A 140 9.54 0.96 -7.56
C THR A 140 8.99 1.54 -6.26
N ALA A 141 8.65 0.63 -5.32
CA ALA A 141 8.19 1.04 -3.99
C ALA A 141 9.36 1.41 -3.09
N PRO A 142 9.16 2.40 -2.22
CA PRO A 142 10.23 2.83 -1.32
C PRO A 142 10.52 1.80 -0.27
N SER A 143 11.76 1.81 0.19
CA SER A 143 12.11 1.22 1.47
C SER A 143 11.99 2.31 2.52
N VAL A 144 11.27 2.04 3.59
CA VAL A 144 11.05 3.03 4.64
C VAL A 144 11.84 2.62 5.88
N TYR A 145 12.64 3.57 6.41
CA TYR A 145 13.45 3.35 7.59
C TYR A 145 13.18 4.39 8.68
N PRO A 146 13.15 3.96 9.94
CA PRO A 146 12.88 4.88 11.05
C PRO A 146 14.14 5.61 11.45
N LEU A 147 13.99 6.92 11.70
CA LEU A 147 15.11 7.75 12.16
C LEU A 147 14.84 8.22 13.60
N ALA A 148 15.59 7.68 14.55
CA ALA A 148 15.47 8.14 15.91
C ALA A 148 16.70 8.98 16.24
N PRO A 149 16.59 9.95 17.18
CA PRO A 149 17.74 10.73 17.67
C PRO A 149 18.83 9.83 18.21
N SER A 157 11.68 20.17 26.57
CA SER A 157 12.65 19.73 25.57
C SER A 157 11.91 19.06 24.40
N MET A 158 12.19 19.47 23.17
CA MET A 158 11.53 18.88 22.01
C MET A 158 12.50 17.96 21.28
N VAL A 159 11.95 17.01 20.53
CA VAL A 159 12.73 15.95 19.92
C VAL A 159 12.29 15.84 18.47
N THR A 160 13.24 15.65 17.54
CA THR A 160 12.86 15.49 16.14
C THR A 160 13.07 14.05 15.69
N LEU A 161 12.01 13.48 15.10
CA LEU A 161 11.96 12.11 14.66
C LEU A 161 11.81 12.14 13.15
N GLY A 162 12.20 11.05 12.46
CA GLY A 162 12.10 11.09 11.02
C GLY A 162 11.81 9.74 10.41
N CYS A 163 11.54 9.79 9.11
CA CYS A 163 11.31 8.60 8.31
CA CYS A 163 11.19 8.65 8.28
C CYS A 163 12.00 8.80 6.98
N LEU A 164 12.90 7.88 6.69
CA LEU A 164 13.67 7.92 5.44
C LEU A 164 12.92 7.10 4.41
N VAL A 165 12.61 7.70 3.26
CA VAL A 165 11.77 7.05 2.23
C VAL A 165 12.69 6.88 1.04
N LYS A 166 13.27 5.69 0.91
CA LYS A 166 14.43 5.47 0.07
C LYS A 166 14.11 4.70 -1.21
N GLY A 167 14.41 5.31 -2.36
CA GLY A 167 14.52 4.61 -3.63
C GLY A 167 13.22 4.29 -4.33
N TYR A 168 12.36 5.27 -4.54
CA TYR A 168 11.08 4.97 -5.16
C TYR A 168 11.01 5.64 -6.53
N PHE A 169 10.04 5.20 -7.34
CA PHE A 169 9.77 5.76 -8.65
C PHE A 169 8.38 5.38 -9.12
N PRO A 170 7.63 6.33 -9.71
CA PRO A 170 7.90 7.79 -9.82
C PRO A 170 7.41 8.56 -8.60
N GLU A 171 7.55 9.87 -8.66
CA GLU A 171 6.88 10.71 -7.67
C GLU A 171 5.37 10.58 -7.96
N PRO A 172 4.54 10.91 -6.96
CA PRO A 172 4.94 11.41 -5.65
C PRO A 172 4.86 10.35 -4.52
N VAL A 173 5.28 10.68 -3.29
CA VAL A 173 4.88 9.91 -2.13
C VAL A 173 4.18 10.87 -1.18
N THR A 174 3.37 10.34 -0.29
CA THR A 174 2.80 11.18 0.76
C THR A 174 3.30 10.63 2.08
N VAL A 175 3.56 11.50 3.04
CA VAL A 175 3.96 11.04 4.36
C VAL A 175 3.13 11.77 5.41
N THR A 176 2.50 11.04 6.31
CA THR A 176 1.85 11.64 7.46
C THR A 176 2.41 11.03 8.74
N TRP A 177 2.07 11.69 9.84
CA TRP A 177 2.53 11.31 11.17
C TRP A 177 1.31 11.11 12.06
N ASN A 178 1.18 9.90 12.60
CA ASN A 178 0.07 9.49 13.45
C ASN A 178 -1.26 9.77 12.72
N SER A 179 -1.28 9.37 11.44
CA SER A 179 -2.45 9.53 10.57
C SER A 179 -2.86 10.99 10.44
N GLY A 180 -1.90 11.90 10.45
CA GLY A 180 -2.25 13.29 10.42
C GLY A 180 -2.60 13.89 11.76
N ALA A 181 -2.62 13.11 12.85
CA ALA A 181 -2.89 13.71 14.14
C ALA A 181 -1.72 14.56 14.60
N LEU A 182 -0.51 14.28 14.10
CA LEU A 182 0.64 15.16 14.28
C LEU A 182 0.76 15.98 13.01
N SER A 183 0.31 17.22 13.06
CA SER A 183 0.37 18.08 11.89
C SER A 183 1.31 19.26 12.05
N SER A 184 1.29 19.94 13.19
CA SER A 184 2.30 20.96 13.39
C SER A 184 3.63 20.29 13.74
N GLY A 185 4.72 20.94 13.37
CA GLY A 185 6.02 20.34 13.60
C GLY A 185 6.50 19.41 12.50
N VAL A 186 5.76 19.30 11.41
CA VAL A 186 6.07 18.34 10.35
C VAL A 186 6.77 19.06 9.22
N HIS A 187 7.81 18.43 8.68
CA HIS A 187 8.47 18.87 7.46
C HIS A 187 8.68 17.65 6.56
N THR A 188 8.06 17.66 5.38
CA THR A 188 8.38 16.67 4.37
C THR A 188 9.26 17.33 3.30
N PHE A 189 10.50 16.81 3.16
CA PHE A 189 11.53 17.54 2.43
C PHE A 189 11.50 17.10 0.97
N PRO A 190 11.65 18.00 0.02
CA PRO A 190 11.79 17.59 -1.37
C PRO A 190 12.81 16.48 -1.58
N ALA A 191 12.49 15.61 -2.51
CA ALA A 191 13.30 14.44 -2.82
C ALA A 191 14.55 14.80 -3.63
N VAL A 192 15.56 13.95 -3.49
CA VAL A 192 16.64 13.90 -4.45
C VAL A 192 16.35 12.78 -5.41
N LEU A 193 16.91 12.92 -6.61
CA LEU A 193 16.82 11.90 -7.65
C LEU A 193 18.24 11.42 -7.98
N GLN A 194 18.47 10.11 -7.87
CA GLN A 194 19.77 9.48 -8.13
C GLN A 194 19.56 8.11 -8.77
N SER A 195 20.37 7.80 -9.79
CA SER A 195 20.26 6.54 -10.54
C SER A 195 18.80 6.14 -10.79
N GLY A 196 17.95 7.12 -11.14
CA GLY A 196 16.55 6.93 -11.51
C GLY A 196 15.57 6.77 -10.38
N LEU A 197 16.03 6.71 -9.13
CA LEU A 197 15.16 6.57 -7.98
C LEU A 197 15.21 7.81 -7.08
N TYR A 198 14.05 8.17 -6.53
CA TYR A 198 13.88 9.26 -5.57
C TYR A 198 14.07 8.80 -4.14
N THR A 199 14.69 9.67 -3.33
CA THR A 199 14.75 9.48 -1.88
C THR A 199 14.35 10.78 -1.20
N LEU A 200 13.51 10.68 -0.16
CA LEU A 200 13.28 11.84 0.66
C LEU A 200 13.26 11.42 2.10
N THR A 201 13.23 12.44 2.97
CA THR A 201 12.97 12.23 4.38
C THR A 201 11.85 13.14 4.83
N SER A 202 11.03 12.66 5.78
CA SER A 202 10.07 13.51 6.49
C SER A 202 10.38 13.52 7.97
N SER A 203 10.17 14.66 8.64
CA SER A 203 10.47 14.74 10.05
C SER A 203 9.25 15.29 10.78
N VAL A 204 9.18 15.01 12.09
CA VAL A 204 8.23 15.68 12.98
C VAL A 204 8.96 15.98 14.29
N THR A 205 8.62 17.14 14.90
CA THR A 205 9.16 17.54 16.20
C THR A 205 8.01 17.51 17.22
N VAL A 206 8.23 16.81 18.33
CA VAL A 206 7.22 16.65 19.37
C VAL A 206 7.90 16.94 20.71
N PRO A 207 7.11 17.30 21.74
CA PRO A 207 7.69 17.36 23.08
C PRO A 207 8.27 16.00 23.45
N SER A 208 9.43 16.01 24.11
CA SER A 208 10.06 14.74 24.47
C SER A 208 9.14 13.90 25.36
N SER A 209 8.27 14.56 26.12
CA SER A 209 7.25 13.86 26.92
C SER A 209 6.29 13.07 26.05
N THR A 210 6.00 13.57 24.84
CA THR A 210 5.17 12.82 23.90
C THR A 210 5.89 11.55 23.46
N TRP A 211 7.16 11.68 23.09
CA TRP A 211 7.88 10.52 22.58
C TRP A 211 8.01 9.45 23.64
N SER A 212 8.21 9.84 24.90
CA SER A 212 8.41 8.83 25.92
C SER A 212 7.11 8.17 26.38
N SER A 213 5.95 8.68 25.99
CA SER A 213 4.71 8.12 26.51
C SER A 213 3.68 7.76 25.45
N GLN A 214 3.89 8.14 24.20
CA GLN A 214 2.98 7.93 23.10
C GLN A 214 3.71 7.36 21.89
N ALA A 215 3.10 6.38 21.22
CA ALA A 215 3.69 5.93 19.96
C ALA A 215 3.66 7.02 18.88
N VAL A 216 4.76 7.14 18.13
CA VAL A 216 4.87 8.01 16.96
C VAL A 216 5.20 7.14 15.76
N THR A 217 4.36 7.22 14.72
CA THR A 217 4.49 6.37 13.54
C THR A 217 4.39 7.24 12.30
N CYS A 218 5.27 7.02 11.33
CA CYS A 218 5.08 7.67 10.05
C CYS A 218 4.34 6.72 9.13
N ASN A 219 3.55 7.33 8.24
CA ASN A 219 2.66 6.59 7.35
C ASN A 219 3.03 7.01 5.94
N VAL A 220 3.62 6.09 5.17
CA VAL A 220 4.19 6.40 3.86
C VAL A 220 3.28 5.78 2.81
N ALA A 221 2.84 6.58 1.86
CA ALA A 221 2.04 6.06 0.76
C ALA A 221 2.73 6.40 -0.56
N HIS A 222 2.84 5.40 -1.44
CA HIS A 222 3.41 5.59 -2.77
C HIS A 222 2.32 5.24 -3.75
N PRO A 223 1.51 6.22 -4.20
CA PRO A 223 0.29 5.84 -4.94
C PRO A 223 0.55 5.04 -6.19
N ALA A 224 1.73 5.18 -6.80
CA ALA A 224 1.85 4.58 -8.13
C ALA A 224 2.14 3.09 -8.04
N SER A 225 2.72 2.64 -6.93
CA SER A 225 2.88 1.22 -6.62
C SER A 225 1.78 0.69 -5.71
N SER A 226 0.78 1.52 -5.37
CA SER A 226 -0.33 1.18 -4.47
C SER A 226 0.17 0.67 -3.12
N THR A 227 1.34 1.10 -2.67
CA THR A 227 1.88 0.60 -1.42
C THR A 227 1.71 1.60 -0.29
N LYS A 228 1.54 1.06 0.93
CA LYS A 228 1.40 1.86 2.12
C LYS A 228 2.20 1.15 3.19
N VAL A 229 3.06 1.90 3.88
CA VAL A 229 3.94 1.34 4.90
C VAL A 229 3.79 2.19 6.15
N ASP A 230 3.62 1.55 7.30
CA ASP A 230 3.78 2.26 8.58
C ASP A 230 5.07 1.85 9.27
N LYS A 231 5.82 2.84 9.79
CA LYS A 231 6.99 2.60 10.62
C LYS A 231 6.85 3.35 11.93
N LYS A 232 6.80 2.60 13.04
CA LYS A 232 6.86 3.15 14.40
C LYS A 232 8.29 3.57 14.70
N ILE A 233 8.48 4.77 15.26
CA ILE A 233 9.81 5.24 15.60
C ILE A 233 10.08 4.85 17.05
N VAL A 234 10.97 3.88 17.26
CA VAL A 234 11.25 3.41 18.61
C VAL A 234 12.58 3.97 19.14
N PRO A 235 12.62 4.34 20.43
CA PRO A 235 13.84 4.81 21.11
C PRO A 235 14.90 3.73 21.22
N PCA B 20 -0.34 29.97 -32.37
CA PCA B 20 -0.44 31.08 -33.35
CB PCA B 20 -1.82 31.67 -33.33
CG PCA B 20 -2.54 31.09 -32.11
CD PCA B 20 -1.61 30.01 -31.63
OE PCA B 20 -1.96 29.25 -30.72
C PCA B 20 0.44 32.31 -32.98
O PCA B 20 0.60 33.23 -33.80
N PHE B 21 0.91 32.35 -31.74
CA PHE B 21 1.85 33.37 -31.30
C PHE B 21 2.52 32.83 -30.04
N VAL B 22 3.57 33.47 -29.63
CA VAL B 22 4.20 33.09 -28.36
C VAL B 22 4.16 34.28 -27.43
N LEU B 23 4.16 33.99 -26.14
CA LEU B 23 4.22 35.04 -25.12
C LEU B 23 5.53 34.81 -24.39
N THR B 24 6.40 35.82 -24.39
CA THR B 24 7.69 35.65 -23.76
C THR B 24 7.72 36.35 -22.42
N GLN B 25 8.09 35.62 -21.38
CA GLN B 25 8.30 36.15 -20.03
C GLN B 25 9.73 35.94 -19.59
N PRO B 26 10.32 36.88 -18.86
CA PRO B 26 11.62 36.58 -18.23
C PRO B 26 11.53 35.29 -17.42
N ASN B 27 12.69 34.65 -17.27
CA ASN B 27 12.77 33.46 -16.45
C ASN B 27 12.61 33.80 -14.97
N SER B 28 13.29 34.88 -14.50
CA SER B 28 13.23 35.16 -13.07
C SER B 28 13.49 36.65 -12.80
N VAL B 29 12.91 37.14 -11.70
CA VAL B 29 13.22 38.46 -11.15
C VAL B 29 13.43 38.32 -9.64
N SER B 30 14.49 38.93 -9.14
CA SER B 30 14.77 39.00 -7.70
C SER B 30 14.64 40.45 -7.23
N THR B 31 13.83 40.68 -6.20
CA THR B 31 13.54 42.02 -5.78
C THR B 31 13.65 42.05 -4.26
N ASN B 32 13.18 43.14 -3.64
CA ASN B 32 13.41 43.33 -2.22
C ASN B 32 12.07 43.69 -1.61
N LEU B 33 11.83 43.16 -0.40
CA LEU B 33 10.65 43.46 0.39
C LEU B 33 10.31 44.93 0.37
N GLY B 34 9.08 45.23 -0.08
CA GLY B 34 8.60 46.60 -0.10
C GLY B 34 8.77 47.32 -1.43
N SER B 35 9.50 46.73 -2.36
CA SER B 35 9.73 47.36 -3.63
C SER B 35 8.50 47.23 -4.51
N THR B 36 8.48 48.03 -5.58
CA THR B 36 7.58 47.73 -6.70
C THR B 36 8.33 46.83 -7.69
N VAL B 37 7.63 45.88 -8.31
CA VAL B 37 8.26 45.00 -9.30
C VAL B 37 7.27 44.80 -10.44
N LYS B 38 7.79 44.84 -11.66
CA LYS B 38 6.97 44.68 -12.87
C LYS B 38 7.40 43.44 -13.60
N LEU B 39 6.41 42.54 -13.90
CA LEU B 39 6.68 41.28 -14.60
C LEU B 39 6.06 41.44 -16.00
N SER B 40 6.86 41.22 -17.04
CA SER B 40 6.38 41.47 -18.40
C SER B 40 6.03 40.19 -19.16
N CYS B 41 5.24 40.39 -20.23
CA CYS B 41 4.68 39.27 -21.02
C CYS B 41 4.51 39.82 -22.43
N LYS B 42 5.44 39.53 -23.34
CA LYS B 42 5.52 40.17 -24.66
C LYS B 42 4.99 39.22 -25.74
N ARG B 43 4.05 39.71 -26.56
CA ARG B 43 3.43 38.91 -27.63
C ARG B 43 4.27 39.03 -28.91
N SER B 44 4.60 37.86 -29.50
CA SER B 44 5.53 37.79 -30.61
C SER B 44 4.95 38.38 -31.88
N THR B 45 3.69 38.06 -32.18
CA THR B 45 3.08 38.56 -33.40
C THR B 45 1.62 38.83 -33.10
N GLY B 46 1.10 39.87 -33.75
CA GLY B 46 -0.21 40.38 -33.40
C GLY B 46 -0.21 41.27 -32.18
N ASN B 47 -1.18 42.19 -32.11
CA ASN B 47 -1.20 43.15 -31.02
CA ASN B 47 -1.23 43.17 -31.01
C ASN B 47 -1.60 42.52 -29.69
N ILE B 48 -0.84 42.84 -28.64
CA ILE B 48 -1.13 42.35 -27.29
C ILE B 48 -2.56 42.78 -26.88
N GLY B 49 -2.97 43.95 -27.34
CA GLY B 49 -4.26 44.51 -26.98
C GLY B 49 -5.42 43.85 -27.72
N SER B 50 -5.13 42.96 -28.66
CA SER B 50 -6.23 42.43 -29.48
C SER B 50 -7.06 41.37 -28.79
N ASN B 51 -6.60 40.79 -27.67
CA ASN B 51 -7.42 39.89 -26.87
C ASN B 51 -6.99 40.05 -25.43
N TYR B 52 -7.87 39.66 -24.49
CA TYR B 52 -7.53 39.85 -23.07
C TYR B 52 -6.28 39.05 -22.68
N VAL B 53 -5.52 39.62 -21.71
CA VAL B 53 -4.44 38.92 -21.06
C VAL B 53 -4.79 38.70 -19.60
N ASN B 54 -4.47 37.53 -19.10
CA ASN B 54 -4.72 37.12 -17.73
C ASN B 54 -3.41 36.70 -17.11
N TRP B 55 -3.38 36.75 -15.79
CA TRP B 55 -2.24 36.39 -14.98
C TRP B 55 -2.62 35.42 -13.88
N TYR B 56 -1.80 34.36 -13.74
CA TYR B 56 -1.97 33.32 -12.74
C TYR B 56 -0.73 33.25 -11.87
N GLN B 57 -0.97 33.08 -10.56
CA GLN B 57 0.09 32.85 -9.58
C GLN B 57 0.15 31.36 -9.31
N GLN B 58 1.34 30.78 -9.27
CA GLN B 58 1.45 29.37 -8.87
C GLN B 58 2.53 29.23 -7.80
N HIS B 59 2.13 28.93 -6.58
CA HIS B 59 3.09 28.59 -5.54
C HIS B 59 3.68 27.21 -5.77
N GLU B 60 4.84 27.02 -5.16
CA GLU B 60 5.54 25.76 -5.14
C GLU B 60 4.64 24.55 -4.88
N GLY B 61 4.52 23.66 -5.85
CA GLY B 61 3.76 22.45 -5.58
C GLY B 61 2.26 22.61 -5.61
N ARG B 62 1.72 23.74 -6.04
CA ARG B 62 0.28 24.00 -5.94
C ARG B 62 -0.27 24.32 -7.31
N SER B 63 -1.61 24.39 -7.40
CA SER B 63 -2.33 24.77 -8.60
C SER B 63 -2.30 26.27 -8.83
N PRO B 64 -2.34 26.72 -10.10
CA PRO B 64 -2.51 28.15 -10.38
C PRO B 64 -3.79 28.76 -9.82
N THR B 65 -3.71 30.07 -9.48
CA THR B 65 -4.91 30.86 -9.15
C THR B 65 -4.86 32.21 -9.87
N THR B 66 -6.05 32.81 -10.12
CA THR B 66 -6.08 34.08 -10.86
C THR B 66 -5.63 35.26 -10.02
N MET B 67 -4.65 35.99 -10.56
CA MET B 67 -4.29 37.30 -10.01
C MET B 67 -5.03 38.44 -10.70
N ILE B 68 -5.00 38.43 -12.03
CA ILE B 68 -5.61 39.46 -12.86
C ILE B 68 -6.35 38.76 -13.99
N TYR B 69 -7.53 39.21 -14.31
CA TYR B 69 -8.16 38.73 -15.56
C TYR B 69 -8.68 39.94 -16.34
N ARG B 70 -8.94 39.73 -17.64
CA ARG B 70 -9.43 40.80 -18.51
C ARG B 70 -8.52 42.02 -18.42
N ASP B 71 -7.22 41.78 -18.55
CA ASP B 71 -6.14 42.79 -18.60
C ASP B 71 -5.83 43.39 -17.25
N ASP B 72 -6.86 43.80 -16.50
CA ASP B 72 -6.59 44.63 -15.34
C ASP B 72 -7.62 44.45 -14.23
N LYS B 73 -8.46 43.39 -14.29
CA LYS B 73 -9.48 43.21 -13.27
C LYS B 73 -8.90 42.26 -12.23
N ARG B 74 -9.24 42.52 -10.97
CA ARG B 74 -8.68 41.80 -9.84
CA ARG B 74 -8.67 41.80 -9.84
C ARG B 74 -9.78 41.00 -9.16
N PRO B 75 -9.67 39.69 -9.05
CA PRO B 75 -10.65 38.95 -8.25
C PRO B 75 -10.71 39.55 -6.85
N ASP B 76 -11.89 39.54 -6.24
CA ASP B 76 -11.96 39.96 -4.84
C ASP B 76 -11.17 38.94 -4.03
N GLY B 77 -10.45 39.40 -3.02
CA GLY B 77 -9.54 38.52 -2.34
C GLY B 77 -8.09 38.65 -2.76
N VAL B 78 -7.79 39.04 -3.98
CA VAL B 78 -6.37 39.24 -4.25
CA VAL B 78 -6.40 39.30 -4.38
C VAL B 78 -6.01 40.66 -3.84
N PRO B 79 -4.88 40.81 -3.14
CA PRO B 79 -4.49 42.10 -2.54
C PRO B 79 -4.41 43.21 -3.58
N ASP B 80 -4.78 44.43 -3.17
CA ASP B 80 -4.82 45.54 -4.13
C ASP B 80 -3.42 46.02 -4.54
N ARG B 81 -2.36 45.47 -3.95
CA ARG B 81 -1.03 45.75 -4.47
C ARG B 81 -0.73 45.10 -5.82
N PHE B 82 -1.56 44.12 -6.30
CA PHE B 82 -1.45 43.63 -7.66
C PHE B 82 -2.26 44.48 -8.63
N SER B 83 -1.65 44.78 -9.78
CA SER B 83 -2.42 45.46 -10.81
C SER B 83 -1.90 45.02 -12.17
N GLY B 84 -2.80 45.03 -13.16
CA GLY B 84 -2.40 44.71 -14.50
C GLY B 84 -2.49 45.91 -15.42
N SER B 85 -1.66 45.89 -16.46
CA SER B 85 -1.77 46.91 -17.48
C SER B 85 -1.28 46.32 -18.80
N ILE B 86 -1.54 47.10 -19.87
CA ILE B 86 -1.10 46.75 -21.20
C ILE B 86 -0.25 47.87 -21.76
N ASP B 87 0.99 47.56 -22.17
CA ASP B 87 1.93 48.54 -22.76
C ASP B 87 2.07 48.27 -24.26
N ARG B 88 1.31 49.02 -25.07
CA ARG B 88 1.31 48.78 -26.50
C ARG B 88 2.64 49.10 -27.16
N SER B 89 3.39 50.08 -26.64
CA SER B 89 4.68 50.45 -27.25
C SER B 89 5.68 49.29 -27.23
N SER B 90 5.62 48.40 -26.23
CA SER B 90 6.48 47.22 -26.21
C SER B 90 5.71 45.94 -26.51
N ASN B 91 4.47 46.07 -26.96
CA ASN B 91 3.59 44.90 -27.22
C ASN B 91 3.56 43.90 -26.05
N SER B 92 3.47 44.43 -24.82
CA SER B 92 3.59 43.61 -23.62
C SER B 92 2.49 43.89 -22.60
N ALA B 93 2.09 42.86 -21.93
CA ALA B 93 1.26 43.00 -20.72
C ALA B 93 2.22 43.03 -19.53
N LEU B 94 1.75 43.68 -18.46
CA LEU B 94 2.58 43.93 -17.27
C LEU B 94 1.80 43.59 -16.02
N LEU B 95 2.37 42.77 -15.15
CA LEU B 95 1.82 42.60 -13.82
C LEU B 95 2.69 43.41 -12.87
N THR B 96 2.10 44.40 -12.20
CA THR B 96 2.89 45.26 -11.30
C THR B 96 2.50 44.83 -9.90
N ILE B 97 3.49 44.58 -9.03
CA ILE B 97 3.19 44.30 -7.64
C ILE B 97 3.84 45.44 -6.84
N ASN B 98 3.03 46.28 -6.18
CA ASN B 98 3.59 47.33 -5.30
C ASN B 98 3.79 46.73 -3.90
N ASN B 99 4.77 47.29 -3.15
CA ASN B 99 5.00 46.88 -1.76
C ASN B 99 5.11 45.36 -1.67
N VAL B 100 5.95 44.79 -2.53
CA VAL B 100 6.04 43.34 -2.65
C VAL B 100 6.40 42.69 -1.29
N GLN B 101 5.80 41.52 -1.06
CA GLN B 101 5.88 40.82 0.20
C GLN B 101 6.47 39.43 -0.05
N THR B 102 7.06 38.83 1.01
CA THR B 102 7.67 37.53 0.77
C THR B 102 6.64 36.47 0.42
N GLU B 103 5.38 36.59 0.90
CA GLU B 103 4.31 35.67 0.45
C GLU B 103 3.99 35.75 -1.04
N ASP B 104 4.49 36.75 -1.78
CA ASP B 104 4.31 36.87 -3.22
C ASP B 104 5.33 36.05 -4.01
N GLU B 105 6.35 35.47 -3.32
CA GLU B 105 7.24 34.54 -4.03
C GLU B 105 6.41 33.39 -4.60
N ALA B 106 6.59 33.19 -5.90
CA ALA B 106 5.72 32.31 -6.70
C ALA B 106 6.21 32.40 -8.12
N ASP B 107 5.65 31.50 -8.99
CA ASP B 107 5.80 31.60 -10.42
CA ASP B 107 5.80 31.62 -10.42
C ASP B 107 4.54 32.30 -10.95
N TYR B 108 4.71 33.21 -11.88
CA TYR B 108 3.59 33.97 -12.45
C TYR B 108 3.56 33.71 -13.93
N PHE B 109 2.40 33.24 -14.44
CA PHE B 109 2.17 32.96 -15.86
C PHE B 109 1.17 33.93 -16.46
N CYS B 110 1.49 34.49 -17.62
CA CYS B 110 0.52 35.25 -18.41
C CYS B 110 -0.14 34.29 -19.42
N HIS B 111 -1.30 34.74 -19.91
CA HIS B 111 -2.18 33.88 -20.72
C HIS B 111 -2.92 34.81 -21.69
N SER B 112 -2.99 34.42 -22.98
CA SER B 112 -3.89 35.11 -23.92
C SER B 112 -4.33 34.09 -24.97
N TYR B 113 -4.90 34.59 -26.06
CA TYR B 113 -5.52 33.63 -26.99
C TYR B 113 -5.79 34.36 -28.28
N SER B 114 -6.00 33.59 -29.36
CA SER B 114 -6.65 34.14 -30.52
C SER B 114 -7.39 32.95 -31.14
N SER B 115 -6.85 32.35 -32.19
CA SER B 115 -7.40 31.11 -32.69
C SER B 115 -7.02 29.88 -31.82
N GLY B 116 -5.90 30.00 -31.09
CA GLY B 116 -5.52 29.04 -30.07
C GLY B 116 -5.28 29.71 -28.71
N ILE B 117 -4.98 28.88 -27.73
CA ILE B 117 -4.72 29.39 -26.36
C ILE B 117 -3.23 29.28 -26.00
N VAL B 118 -2.65 30.37 -25.49
CA VAL B 118 -1.19 30.52 -25.32
C VAL B 118 -0.86 30.94 -23.88
N PHE B 119 0.16 30.31 -23.29
CA PHE B 119 0.72 30.71 -21.99
C PHE B 119 2.12 31.25 -22.20
N GLY B 120 2.47 32.25 -21.42
CA GLY B 120 3.90 32.57 -21.31
C GLY B 120 4.64 31.46 -20.56
N GLY B 121 6.00 31.55 -20.57
CA GLY B 121 6.76 30.49 -19.92
C GLY B 121 6.88 30.57 -18.41
N GLY B 122 6.34 31.63 -17.80
CA GLY B 122 6.41 31.77 -16.35
C GLY B 122 7.65 32.53 -15.87
N THR B 123 7.41 33.43 -14.95
CA THR B 123 8.51 34.17 -14.24
C THR B 123 8.46 33.74 -12.79
N LYS B 124 9.65 33.31 -12.27
CA LYS B 124 9.83 33.01 -10.86
C LYS B 124 10.24 34.29 -10.12
N LEU B 125 9.46 34.71 -9.12
CA LEU B 125 9.73 35.92 -8.35
C LEU B 125 10.36 35.55 -7.03
N THR B 126 11.54 36.13 -6.71
CA THR B 126 12.22 35.96 -5.44
C THR B 126 12.18 37.33 -4.74
N VAL B 127 11.91 37.33 -3.43
CA VAL B 127 11.78 38.52 -2.60
C VAL B 127 12.77 38.41 -1.44
N LEU B 128 13.80 39.23 -1.47
CA LEU B 128 14.75 39.32 -0.37
C LEU B 128 14.33 40.36 0.66
N GLY B 129 15.02 40.39 1.81
CA GLY B 129 14.91 41.52 2.73
C GLY B 129 14.17 41.28 4.02
N GLN B 130 13.47 40.15 4.14
CA GLN B 130 13.06 39.69 5.46
C GLN B 130 14.30 39.49 6.34
N PRO B 131 14.15 39.64 7.66
CA PRO B 131 15.23 39.28 8.59
C PRO B 131 15.92 37.95 8.29
N LYS B 132 17.24 37.98 8.13
CA LYS B 132 18.01 36.75 7.91
C LYS B 132 17.71 35.70 8.97
N SER B 133 17.56 34.44 8.54
CA SER B 133 17.30 33.34 9.45
C SER B 133 18.33 32.25 9.14
N THR B 134 19.22 31.98 10.10
CA THR B 134 20.27 30.98 9.93
C THR B 134 19.67 29.57 10.06
N PRO B 135 20.14 28.60 9.27
CA PRO B 135 19.49 27.28 9.31
C PRO B 135 19.73 26.52 10.61
N THR B 136 18.72 25.71 10.95
CA THR B 136 18.77 24.64 11.95
C THR B 136 19.11 23.31 11.25
N LEU B 137 19.97 22.53 11.89
CA LEU B 137 20.43 21.23 11.38
C LEU B 137 19.93 20.09 12.24
N THR B 138 19.44 19.03 11.59
CA THR B 138 19.14 17.80 12.28
C THR B 138 19.85 16.69 11.53
N VAL B 139 20.56 15.82 12.24
CA VAL B 139 21.27 14.73 11.58
C VAL B 139 20.84 13.40 12.18
N PHE B 140 20.78 12.39 11.31
CA PHE B 140 20.36 11.07 11.72
C PHE B 140 21.36 10.07 11.18
N PRO B 141 21.77 9.11 11.99
CA PRO B 141 22.61 8.02 11.49
C PRO B 141 21.78 6.99 10.75
N PRO B 142 22.42 5.99 10.13
CA PRO B 142 21.66 4.92 9.51
C PRO B 142 20.90 4.12 10.54
N SER B 143 19.78 3.56 10.11
CA SER B 143 18.96 2.77 10.98
C SER B 143 19.49 1.35 11.05
N THR B 144 19.25 0.68 12.16
CA THR B 144 19.69 -0.70 12.20
C THR B 144 19.08 -1.52 11.05
N GLU B 145 17.84 -1.21 10.65
CA GLU B 145 17.20 -2.00 9.59
C GLU B 145 17.95 -1.84 8.29
N GLU B 146 18.44 -0.62 8.00
CA GLU B 146 19.17 -0.38 6.76
C GLU B 146 20.53 -1.06 6.76
N LEU B 147 21.27 -0.93 7.88
CA LEU B 147 22.54 -1.62 8.04
C LEU B 147 22.41 -3.13 7.88
N GLN B 148 21.28 -3.72 8.31
CA GLN B 148 21.10 -5.15 8.11
C GLN B 148 21.26 -5.55 6.65
N GLY B 149 20.86 -4.68 5.72
CA GLY B 149 21.09 -4.83 4.29
C GLY B 149 22.43 -4.37 3.77
N ASN B 150 23.38 -4.03 4.66
CA ASN B 150 24.75 -3.62 4.37
C ASN B 150 24.88 -2.21 3.80
N LYS B 151 23.82 -1.41 3.84
CA LYS B 151 23.85 -0.05 3.31
C LYS B 151 23.68 0.95 4.44
N ALA B 152 24.08 2.19 4.20
CA ALA B 152 23.96 3.22 5.22
C ALA B 152 23.71 4.56 4.54
N THR B 153 22.69 5.26 5.01
CA THR B 153 22.38 6.59 4.49
C THR B 153 22.42 7.53 5.67
N LEU B 154 23.31 8.51 5.60
CA LEU B 154 23.36 9.58 6.59
C LEU B 154 22.49 10.71 6.10
N VAL B 155 21.67 11.24 7.00
CA VAL B 155 20.63 12.21 6.65
C VAL B 155 20.98 13.51 7.35
N CYS B 156 20.99 14.60 6.59
CA CYS B 156 21.12 15.93 7.16
C CYS B 156 19.92 16.76 6.72
N LEU B 157 19.11 17.23 7.67
CA LEU B 157 17.92 18.04 7.39
C LEU B 157 18.22 19.48 7.76
N ILE B 158 17.95 20.41 6.85
CA ILE B 158 18.30 21.85 6.98
C ILE B 158 16.99 22.64 6.93
N SER B 159 16.67 23.38 7.99
CA SER B 159 15.35 24.01 8.00
C SER B 159 15.38 25.42 8.57
N ASP B 160 14.23 26.08 8.46
CA ASP B 160 14.01 27.36 9.13
C ASP B 160 15.02 28.39 8.67
N PHE B 161 15.34 28.44 7.36
CA PHE B 161 16.30 29.45 6.93
C PHE B 161 15.73 30.35 5.84
N TYR B 162 16.32 31.55 5.76
CA TYR B 162 15.91 32.58 4.83
C TYR B 162 17.08 33.56 4.76
N PRO B 163 17.48 33.97 3.54
CA PRO B 163 16.93 33.57 2.25
C PRO B 163 17.43 32.17 1.83
N SER B 164 17.31 31.78 0.54
CA SER B 164 17.23 30.34 0.29
C SER B 164 18.54 29.68 -0.15
N ASP B 165 19.62 30.41 -0.53
CA ASP B 165 20.81 29.68 -0.98
C ASP B 165 21.56 29.08 0.21
N VAL B 166 21.96 27.84 0.06
CA VAL B 166 22.84 27.20 1.03
C VAL B 166 23.93 26.43 0.29
N GLU B 167 25.10 26.35 0.90
CA GLU B 167 26.16 25.47 0.43
C GLU B 167 26.26 24.34 1.44
N VAL B 168 26.09 23.09 1.00
CA VAL B 168 26.14 21.94 1.88
C VAL B 168 27.39 21.15 1.59
N ALA B 169 28.12 20.77 2.63
CA ALA B 169 29.35 20.03 2.47
C ALA B 169 29.39 18.93 3.52
N TRP B 170 29.92 17.76 3.15
CA TRP B 170 30.08 16.69 4.11
C TRP B 170 31.55 16.46 4.38
N LYS B 171 31.83 16.04 5.61
CA LYS B 171 33.18 15.68 6.03
C LYS B 171 33.17 14.21 6.44
N ALA B 172 34.28 13.56 6.22
CA ALA B 172 34.58 12.32 6.92
C ALA B 172 35.92 12.53 7.59
N ASN B 173 35.95 12.39 8.92
CA ASN B 173 37.14 12.70 9.72
C ASN B 173 37.67 14.13 9.52
N GLY B 174 36.80 15.06 9.12
CA GLY B 174 37.23 16.43 8.95
C GLY B 174 37.74 16.77 7.57
N ALA B 175 37.83 15.83 6.72
CA ALA B 175 38.21 15.94 5.33
C ALA B 175 36.97 15.97 4.45
N PRO B 176 36.95 16.82 3.42
CA PRO B 176 35.77 16.92 2.56
C PRO B 176 35.55 15.63 1.79
N ILE B 177 34.31 15.15 1.79
CA ILE B 177 33.92 13.95 1.08
C ILE B 177 32.83 14.34 0.07
N SER B 178 33.04 13.97 -1.19
CA SER B 178 32.15 14.29 -2.29
C SER B 178 31.33 13.11 -2.78
N GLN B 179 31.96 11.94 -2.90
CA GLN B 179 31.28 10.79 -3.51
C GLN B 179 30.15 10.30 -2.61
N GLY B 180 29.01 10.03 -3.22
CA GLY B 180 27.87 9.54 -2.47
C GLY B 180 26.97 10.61 -1.91
N VAL B 181 27.19 11.87 -2.26
CA VAL B 181 26.40 12.97 -1.71
C VAL B 181 25.31 13.38 -2.69
N ASP B 182 24.07 13.49 -2.19
CA ASP B 182 22.99 14.10 -2.95
C ASP B 182 22.29 15.14 -2.10
N THR B 183 22.19 16.38 -2.61
CA THR B 183 21.56 17.49 -1.90
C THR B 183 20.40 18.03 -2.72
N ALA B 184 19.27 18.22 -2.07
CA ALA B 184 18.08 18.75 -2.73
C ALA B 184 18.13 20.27 -2.78
N ASN B 185 17.52 20.85 -3.82
CA ASN B 185 17.36 22.30 -3.93
C ASN B 185 16.42 22.78 -2.83
N PRO B 186 16.64 23.96 -2.24
CA PRO B 186 15.75 24.37 -1.14
C PRO B 186 14.35 24.62 -1.65
N THR B 187 13.37 24.41 -0.79
CA THR B 187 12.01 24.74 -1.15
C THR B 187 11.38 25.51 -0.02
N LYS B 188 10.47 26.39 -0.38
CA LYS B 188 9.75 27.15 0.62
C LYS B 188 8.62 26.32 1.16
N GLN B 189 8.52 26.30 2.48
CA GLN B 189 7.37 25.72 3.18
C GLN B 189 7.04 26.73 4.25
N GLY B 190 5.83 27.27 4.18
CA GLY B 190 5.40 28.33 5.07
C GLY B 190 6.08 29.64 4.77
N ASN B 191 6.83 30.14 5.74
CA ASN B 191 7.51 31.42 5.65
C ASN B 191 9.00 31.29 5.42
N LYS B 192 9.55 30.08 5.37
CA LYS B 192 10.99 29.91 5.26
C LYS B 192 11.30 28.71 4.38
N TYR B 193 12.58 28.41 4.26
CA TYR B 193 13.06 27.40 3.33
C TYR B 193 13.57 26.18 4.09
N ILE B 194 13.50 25.01 3.43
CA ILE B 194 14.04 23.77 3.97
C ILE B 194 14.84 23.11 2.86
N ALA B 195 15.80 22.25 3.27
CA ALA B 195 16.64 21.53 2.32
C ALA B 195 17.14 20.27 3.02
N SER B 196 17.60 19.29 2.25
CA SER B 196 18.14 18.07 2.85
C SER B 196 19.31 17.58 2.02
N SER B 197 20.21 16.83 2.67
CA SER B 197 21.39 16.28 2.01
C SER B 197 21.61 14.88 2.55
N PHE B 198 22.08 13.99 1.69
CA PHE B 198 22.25 12.59 2.03
C PHE B 198 23.68 12.18 1.68
N LEU B 199 24.28 11.36 2.54
CA LEU B 199 25.56 10.72 2.27
C LEU B 199 25.33 9.22 2.18
N ARG B 200 25.44 8.67 0.96
CA ARG B 200 25.35 7.23 0.68
C ARG B 200 26.66 6.54 1.06
N LEU B 201 26.57 5.57 1.97
CA LEU B 201 27.72 4.75 2.36
C LEU B 201 27.36 3.28 2.33
N THR B 202 28.40 2.45 2.25
CA THR B 202 28.26 1.05 2.63
C THR B 202 28.32 0.93 4.14
N ALA B 203 27.75 -0.17 4.66
CA ALA B 203 27.82 -0.44 6.09
C ALA B 203 29.26 -0.31 6.60
N GLU B 204 30.24 -0.73 5.80
CA GLU B 204 31.64 -0.71 6.25
C GLU B 204 32.20 0.69 6.29
N GLN B 205 31.87 1.51 5.30
CA GLN B 205 32.35 2.90 5.31
C GLN B 205 31.86 3.64 6.54
N TRP B 206 30.63 3.35 6.97
CA TRP B 206 30.09 4.01 8.16
C TRP B 206 30.79 3.53 9.43
N ARG B 207 30.93 2.20 9.57
CA ARG B 207 31.64 1.61 10.71
C ARG B 207 33.12 1.99 10.73
N SER B 208 33.70 2.25 9.56
CA SER B 208 35.14 2.51 9.44
C SER B 208 35.57 3.76 10.21
N ARG B 209 35.09 4.92 9.79
CA ARG B 209 35.52 6.17 10.42
C ARG B 209 34.80 6.38 11.74
N ASN B 210 35.30 7.34 12.52
CA ASN B 210 34.67 7.66 13.79
C ASN B 210 34.01 9.03 13.79
N SER B 211 33.83 9.64 12.61
CA SER B 211 33.07 10.89 12.55
C SER B 211 32.68 11.25 11.13
N PHE B 212 31.41 11.61 10.90
CA PHE B 212 31.01 12.37 9.72
C PHE B 212 30.34 13.67 10.15
N THR B 213 30.44 14.70 9.32
CA THR B 213 29.89 16.02 9.61
C THR B 213 29.10 16.53 8.41
N CYS B 214 27.87 16.96 8.66
CA CYS B 214 27.12 17.81 7.75
C CYS B 214 27.43 19.26 8.08
N GLN B 215 27.99 19.98 7.11
CA GLN B 215 28.32 21.40 7.29
C GLN B 215 27.49 22.23 6.30
N VAL B 216 26.79 23.24 6.81
CA VAL B 216 25.99 24.12 5.97
C VAL B 216 26.43 25.57 6.15
N THR B 217 26.66 26.25 5.01
CA THR B 217 26.98 27.66 4.99
C THR B 217 25.86 28.44 4.33
N HIS B 218 25.46 29.53 4.99
CA HIS B 218 24.28 30.31 4.63
C HIS B 218 24.60 31.76 4.96
N GLU B 219 24.59 32.61 3.93
CA GLU B 219 24.93 34.02 4.11
C GLU B 219 26.27 34.20 4.83
N GLY B 220 27.24 33.36 4.51
CA GLY B 220 28.53 33.48 5.17
C GLY B 220 28.63 32.92 6.57
N ASN B 221 27.54 32.41 7.12
CA ASN B 221 27.56 31.80 8.45
C ASN B 221 27.57 30.30 8.30
N THR B 222 28.35 29.61 9.11
CA THR B 222 28.41 28.15 8.95
C THR B 222 27.92 27.44 10.20
N VAL B 223 27.06 26.44 10.02
CA VAL B 223 26.56 25.58 11.09
C VAL B 223 26.95 24.15 10.73
N GLU B 224 27.34 23.35 11.73
CA GLU B 224 27.61 21.94 11.43
C GLU B 224 27.19 21.02 12.56
N LYS B 225 26.92 19.77 12.19
CA LYS B 225 26.67 18.72 13.15
C LYS B 225 27.34 17.43 12.67
N SER B 226 27.71 16.59 13.64
CA SER B 226 28.41 15.34 13.35
C SER B 226 27.67 14.08 13.81
N LEU B 227 28.07 12.97 13.19
CA LEU B 227 27.50 11.64 13.40
C LEU B 227 28.65 10.69 13.63
N SER B 228 28.47 9.75 14.57
CA SER B 228 29.55 8.86 14.99
C SER B 228 28.92 7.54 15.42
N PRO B 229 29.42 6.39 14.91
CA PRO B 229 29.01 5.06 15.39
C PRO B 229 29.22 4.83 16.90
N GLU C 20 -9.40 -10.27 27.42
CA GLU C 20 -9.02 -11.49 26.71
C GLU C 20 -7.50 -11.59 26.52
N VAL C 21 -6.98 -12.77 26.82
CA VAL C 21 -5.63 -13.13 26.38
C VAL C 21 -5.52 -12.91 24.87
N GLN C 22 -4.52 -12.12 24.43
CA GLN C 22 -4.17 -12.01 23.01
C GLN C 22 -2.70 -12.20 22.79
N LEU C 23 -2.37 -12.91 21.71
CA LEU C 23 -0.96 -13.16 21.32
C LEU C 23 -0.91 -12.81 19.83
N VAL C 24 -0.07 -11.84 19.47
CA VAL C 24 -0.02 -11.33 18.11
C VAL C 24 1.39 -11.45 17.56
N GLU C 25 1.54 -12.25 16.51
N GLU C 25 1.59 -12.37 16.60
CA GLU C 25 2.81 -12.49 15.88
CA GLU C 25 2.86 -12.55 15.91
C GLU C 25 3.07 -11.52 14.74
C GLU C 25 3.08 -11.50 14.81
N SER C 26 4.36 -11.23 14.53
CA SER C 26 4.78 -10.43 13.39
C SER C 26 6.18 -10.86 12.97
N GLY C 27 6.62 -10.36 11.83
CA GLY C 27 7.99 -10.49 11.38
C GLY C 27 8.30 -11.65 10.47
N GLY C 28 7.29 -12.30 9.91
CA GLY C 28 7.52 -13.40 9.00
C GLY C 28 7.62 -12.87 7.58
N GLY C 29 7.10 -13.60 6.59
CA GLY C 29 7.30 -13.17 5.23
C GLY C 29 8.27 -14.10 4.53
N LEU C 30 8.92 -13.58 3.53
CA LEU C 30 9.79 -14.33 2.63
C LEU C 30 11.24 -14.09 3.03
N VAL C 31 12.06 -15.15 3.01
CA VAL C 31 13.50 -15.04 3.29
C VAL C 31 14.28 -16.00 2.38
N GLN C 32 15.50 -15.58 1.95
CA GLN C 32 16.30 -16.47 1.11
C GLN C 32 17.01 -17.59 1.89
N PRO C 33 17.24 -18.75 1.27
CA PRO C 33 17.96 -19.84 1.96
C PRO C 33 19.28 -19.42 2.56
N GLY C 34 19.54 -19.92 3.77
CA GLY C 34 20.76 -19.60 4.51
C GLY C 34 20.74 -18.28 5.23
N ARG C 35 19.75 -17.41 4.96
CA ARG C 35 19.65 -16.16 5.68
C ARG C 35 18.85 -16.36 6.98
N SER C 36 18.54 -15.25 7.66
CA SER C 36 17.97 -15.28 9.00
C SER C 36 16.71 -14.44 9.07
N LEU C 37 15.92 -14.68 10.12
CA LEU C 37 14.65 -14.02 10.35
C LEU C 37 14.36 -14.02 11.85
N LYS C 38 13.78 -12.94 12.37
CA LYS C 38 13.37 -12.87 13.78
C LYS C 38 11.86 -12.68 13.86
N LEU C 39 11.16 -13.64 14.49
CA LEU C 39 9.73 -13.48 14.72
C LEU C 39 9.46 -12.89 16.10
N SER C 40 8.34 -12.15 16.21
CA SER C 40 7.94 -11.48 17.46
C SER C 40 6.54 -11.92 17.83
N CYS C 41 6.27 -12.08 19.13
CA CYS C 41 4.93 -12.41 19.59
C CYS C 41 4.61 -11.46 20.74
N ALA C 42 3.66 -10.57 20.52
CA ALA C 42 3.31 -9.51 21.47
C ALA C 42 2.08 -9.91 22.25
N ALA C 43 2.17 -9.89 23.57
CA ALA C 43 1.13 -10.43 24.43
C ALA C 43 0.39 -9.32 25.16
N SER C 44 -0.90 -9.56 25.41
CA SER C 44 -1.75 -8.65 26.14
CA SER C 44 -1.75 -8.64 26.15
C SER C 44 -2.83 -9.44 26.88
N GLY C 45 -3.45 -8.80 27.89
CA GLY C 45 -4.61 -9.35 28.60
C GLY C 45 -4.33 -10.31 29.74
N PHE C 46 -3.08 -10.48 30.13
CA PHE C 46 -2.72 -11.30 31.27
C PHE C 46 -1.38 -10.78 31.76
N THR C 47 -0.88 -11.30 32.87
CA THR C 47 0.45 -10.87 33.32
C THR C 47 1.49 -11.70 32.58
N PHE C 48 2.16 -11.07 31.59
CA PHE C 48 3.09 -11.81 30.71
C PHE C 48 4.16 -12.57 31.49
N SER C 49 4.79 -11.91 32.50
CA SER C 49 5.92 -12.50 33.22
C SER C 49 5.53 -13.62 34.20
N ASN C 50 4.24 -13.97 34.27
CA ASN C 50 3.77 -15.10 35.08
C ASN C 50 3.72 -16.42 34.33
N TYR C 51 3.99 -16.45 33.02
CA TYR C 51 3.84 -17.65 32.21
C TYR C 51 4.95 -17.84 31.23
N GLY C 52 5.31 -19.11 31.04
CA GLY C 52 6.19 -19.47 29.95
C GLY C 52 5.54 -19.22 28.59
N MET C 53 6.39 -19.25 27.59
CA MET C 53 5.97 -19.00 26.22
C MET C 53 6.65 -20.01 25.32
N ALA C 54 6.06 -20.25 24.14
CA ALA C 54 6.60 -21.28 23.26
C ALA C 54 6.38 -20.89 21.80
N TRP C 55 7.20 -21.53 20.92
CA TRP C 55 6.96 -21.46 19.46
C TRP C 55 6.73 -22.87 18.97
N VAL C 56 5.69 -23.01 18.09
CA VAL C 56 5.36 -24.30 17.49
C VAL C 56 5.12 -24.04 16.03
N ARG C 57 5.62 -24.92 15.17
CA ARG C 57 5.42 -24.68 13.74
C ARG C 57 4.58 -25.79 13.11
N GLN C 58 4.00 -25.47 11.93
CA GLN C 58 3.08 -26.41 11.30
C GLN C 58 3.34 -26.46 9.82
N THR C 59 3.34 -27.69 9.27
CA THR C 59 3.24 -27.94 7.84
C THR C 59 2.22 -29.04 7.58
N PRO C 60 1.65 -29.14 6.35
CA PRO C 60 0.87 -30.34 6.03
C PRO C 60 1.71 -31.62 6.16
N THR C 61 3.00 -31.52 5.82
CA THR C 61 3.85 -32.71 5.85
C THR C 61 4.19 -33.15 7.27
N LYS C 62 4.48 -32.23 8.18
CA LYS C 62 5.07 -32.66 9.45
C LYS C 62 4.19 -32.39 10.67
N GLY C 63 2.96 -31.90 10.46
CA GLY C 63 2.02 -31.61 11.55
C GLY C 63 2.52 -30.44 12.38
N LEU C 64 2.12 -30.44 13.67
CA LEU C 64 2.60 -29.45 14.66
C LEU C 64 3.90 -29.95 15.25
N GLU C 65 4.92 -29.07 15.33
CA GLU C 65 6.26 -29.47 15.82
C GLU C 65 6.65 -28.41 16.82
N TRP C 66 6.84 -28.81 18.08
CA TRP C 66 7.41 -27.87 19.08
C TRP C 66 8.84 -27.44 18.73
N ILE C 67 9.08 -26.13 18.70
CA ILE C 67 10.42 -25.60 18.40
C ILE C 67 11.18 -25.23 19.69
N ALA C 68 10.51 -24.50 20.58
CA ALA C 68 11.27 -24.00 21.74
C ALA C 68 10.28 -23.49 22.79
N SER C 69 10.65 -23.54 24.09
CA SER C 69 9.90 -22.89 25.17
C SER C 69 10.89 -22.05 26.02
N ILE C 70 10.32 -21.05 26.68
CA ILE C 70 11.10 -20.22 27.63
C ILE C 70 10.28 -20.02 28.90
N SER C 71 10.94 -20.17 30.04
CA SER C 71 10.26 -20.04 31.32
C SER C 71 9.72 -18.63 31.53
N ALA C 72 8.81 -18.52 32.49
CA ALA C 72 8.19 -17.22 32.81
C ALA C 72 9.23 -16.10 33.06
N GLY C 73 10.29 -16.43 33.74
CA GLY C 73 11.34 -15.45 34.12
C GLY C 73 12.36 -15.13 33.03
N GLY C 74 12.36 -15.92 31.97
CA GLY C 74 13.16 -15.69 30.80
C GLY C 74 14.54 -16.28 30.91
N ASP C 75 14.84 -16.95 32.00
CA ASP C 75 16.19 -17.38 32.28
C ASP C 75 16.44 -18.86 31.94
N LYS C 76 15.42 -19.61 31.54
CA LYS C 76 15.58 -21.03 31.19
C LYS C 76 14.92 -21.32 29.86
N THR C 77 15.68 -21.94 28.95
CA THR C 77 15.13 -22.21 27.63
C THR C 77 15.23 -23.70 27.34
N TYR C 78 14.37 -24.14 26.42
CA TYR C 78 14.25 -25.57 26.13
C TYR C 78 13.96 -25.72 24.63
N TYR C 79 14.76 -26.56 23.95
CA TYR C 79 14.63 -26.69 22.51
C TYR C 79 14.12 -28.08 22.14
N GLY C 80 13.27 -28.09 21.08
CA GLY C 80 12.82 -29.36 20.49
C GLY C 80 13.80 -29.88 19.46
N ASP C 81 13.79 -31.21 19.23
CA ASP C 81 14.77 -31.78 18.31
C ASP C 81 14.40 -31.68 16.79
N SER C 82 13.34 -31.03 16.42
CA SER C 82 13.09 -30.97 14.99
C SER C 82 13.96 -29.95 14.28
N VAL C 83 14.56 -29.02 15.06
CA VAL C 83 15.49 -28.05 14.53
C VAL C 83 16.73 -28.11 15.43
N LYS C 84 17.89 -28.26 14.78
CA LYS C 84 19.14 -28.64 15.44
C LYS C 84 19.82 -27.43 16.10
N GLY C 85 19.00 -26.65 16.78
CA GLY C 85 19.61 -25.50 17.45
C GLY C 85 19.74 -24.25 16.61
N ARG C 86 19.24 -24.25 15.36
CA ARG C 86 19.40 -23.11 14.49
C ARG C 86 18.48 -21.97 14.90
N PHE C 87 17.46 -22.28 15.68
CA PHE C 87 16.50 -21.28 16.18
C PHE C 87 16.72 -21.08 17.68
N SER C 88 16.68 -19.83 18.14
CA SER C 88 16.82 -19.57 19.57
C SER C 88 15.69 -18.68 20.03
N ILE C 89 15.25 -18.91 21.26
CA ILE C 89 14.11 -18.22 21.84
C ILE C 89 14.61 -17.27 22.94
N SER C 90 13.95 -16.10 23.05
CA SER C 90 14.25 -15.09 24.07
C SER C 90 12.95 -14.36 24.41
N ARG C 91 12.98 -13.60 25.50
CA ARG C 91 11.82 -12.77 25.84
C ARG C 91 12.27 -11.48 26.49
N ASP C 92 11.40 -10.47 26.40
CA ASP C 92 11.69 -9.13 26.95
C ASP C 92 10.46 -8.77 27.78
N ASN C 93 10.46 -9.07 29.08
CA ASN C 93 9.22 -8.95 29.87
C ASN C 93 8.77 -7.50 29.98
N ALA C 94 9.70 -6.55 29.83
CA ALA C 94 9.36 -5.13 29.89
C ALA C 94 8.62 -4.69 28.63
N LYS C 95 8.83 -5.36 27.49
CA LYS C 95 8.11 -5.08 26.26
C LYS C 95 6.98 -6.09 26.02
N THR C 96 6.76 -6.99 26.99
CA THR C 96 5.76 -8.08 26.94
C THR C 96 5.69 -8.79 25.58
N THR C 97 6.87 -9.11 25.07
CA THR C 97 7.07 -9.70 23.76
C THR C 97 8.08 -10.82 23.91
N HIS C 98 7.86 -11.91 23.17
CA HIS C 98 8.96 -12.88 23.04
C HIS C 98 9.30 -13.09 21.56
N TYR C 99 10.42 -13.78 21.32
CA TYR C 99 11.06 -13.78 20.01
C TYR C 99 11.63 -15.14 19.65
N LEU C 100 11.58 -15.45 18.35
CA LEU C 100 12.21 -16.64 17.77
C LEU C 100 13.23 -16.15 16.73
N GLN C 101 14.51 -16.30 17.00
CA GLN C 101 15.57 -15.89 16.08
C GLN C 101 15.86 -17.10 15.21
N MET C 102 15.60 -17.03 13.91
CA MET C 102 15.73 -18.21 13.05
C MET C 102 16.93 -17.97 12.16
N ASP C 103 17.96 -18.81 12.30
CA ASP C 103 19.19 -18.66 11.53
C ASP C 103 19.37 -19.78 10.52
N SER C 104 20.21 -19.50 9.52
CA SER C 104 20.56 -20.47 8.47
C SER C 104 19.35 -21.20 7.91
N LEU C 105 18.38 -20.43 7.44
CA LEU C 105 17.09 -21.02 7.08
C LEU C 105 17.24 -21.92 5.87
N ARG C 106 16.43 -22.98 5.85
CA ARG C 106 16.39 -23.96 4.77
C ARG C 106 15.01 -23.94 4.15
N SER C 107 14.91 -24.47 2.94
CA SER C 107 13.56 -24.53 2.33
C SER C 107 12.61 -25.37 3.17
N GLU C 108 13.08 -26.41 3.87
CA GLU C 108 12.13 -27.23 4.63
C GLU C 108 11.66 -26.55 5.91
N ASP C 109 12.16 -25.35 6.25
CA ASP C 109 11.62 -24.53 7.33
C ASP C 109 10.39 -23.70 6.94
N THR C 110 10.04 -23.62 5.65
CA THR C 110 8.77 -23.00 5.25
C THR C 110 7.62 -23.64 6.01
N ALA C 111 6.82 -22.81 6.69
CA ALA C 111 5.83 -23.32 7.63
C ALA C 111 5.04 -22.13 8.16
N THR C 112 3.95 -22.43 8.87
CA THR C 112 3.28 -21.44 9.71
C THR C 112 3.85 -21.54 11.11
N TYR C 113 4.24 -20.39 11.68
CA TYR C 113 4.88 -20.40 13.00
C TYR C 113 3.90 -19.78 13.97
N TYR C 114 3.57 -20.54 15.03
CA TYR C 114 2.67 -20.09 16.09
C TYR C 114 3.40 -19.80 17.37
N CYS C 115 3.08 -18.66 18.00
CA CYS C 115 3.43 -18.60 19.44
C CYS C 115 2.31 -19.13 20.31
N ALA C 116 2.66 -19.58 21.50
CA ALA C 116 1.67 -20.10 22.44
C ALA C 116 2.10 -19.78 23.87
N LYS C 117 1.12 -19.48 24.71
CA LYS C 117 1.23 -19.35 26.16
C LYS C 117 1.03 -20.71 26.83
N THR C 118 1.72 -20.92 27.95
CA THR C 118 1.56 -22.14 28.73
C THR C 118 0.76 -21.84 30.01
N SER C 119 0.14 -22.90 30.51
CA SER C 119 -0.45 -22.92 31.85
C SER C 119 -0.08 -24.26 32.52
N ARG C 120 1.21 -24.40 32.84
CA ARG C 120 1.83 -25.53 33.51
C ARG C 120 1.88 -26.82 32.71
N VAL C 121 0.74 -27.26 32.14
CA VAL C 121 0.65 -28.62 31.59
C VAL C 121 0.03 -28.61 30.21
N TYR C 122 -0.34 -27.44 29.71
CA TYR C 122 -0.92 -27.38 28.36
C TYR C 122 -0.69 -25.99 27.79
N PHE C 123 -0.92 -25.85 26.48
CA PHE C 123 -0.92 -24.53 25.80
C PHE C 123 -2.34 -23.97 25.85
N ASP C 124 -2.55 -22.92 26.63
CA ASP C 124 -3.93 -22.49 26.82
C ASP C 124 -4.38 -21.51 25.76
N TYR C 125 -3.45 -20.79 25.10
CA TYR C 125 -3.82 -19.83 24.08
C TYR C 125 -2.73 -19.85 23.02
N TRP C 126 -3.14 -19.71 21.77
CA TRP C 126 -2.24 -19.65 20.62
C TRP C 126 -2.38 -18.28 19.94
N GLY C 127 -1.26 -17.83 19.35
CA GLY C 127 -1.34 -16.70 18.44
C GLY C 127 -2.02 -17.02 17.11
N GLN C 128 -2.05 -16.03 16.25
CA GLN C 128 -2.80 -16.21 15.01
C GLN C 128 -2.00 -17.01 13.96
N GLY C 129 -0.69 -17.15 14.15
CA GLY C 129 0.23 -17.79 13.21
C GLY C 129 0.78 -16.76 12.21
N VAL C 130 2.06 -16.91 11.84
CA VAL C 130 2.59 -16.19 10.69
C VAL C 130 3.28 -17.16 9.76
N MET C 131 3.17 -16.89 8.46
CA MET C 131 3.82 -17.72 7.44
CA MET C 131 3.81 -17.72 7.44
C MET C 131 5.24 -17.24 7.18
N VAL C 132 6.18 -18.19 7.15
CA VAL C 132 7.56 -17.96 6.78
C VAL C 132 7.83 -18.80 5.55
N THR C 133 8.27 -18.15 4.48
CA THR C 133 8.55 -18.82 3.21
C THR C 133 10.04 -18.63 2.96
N VAL C 134 10.79 -19.73 2.95
CA VAL C 134 12.23 -19.68 2.65
C VAL C 134 12.42 -20.05 1.19
N SER C 135 12.79 -19.07 0.37
CA SER C 135 12.86 -19.25 -1.07
C SER C 135 13.81 -18.22 -1.67
N SER C 136 14.45 -18.61 -2.76
CA SER C 136 15.20 -17.61 -3.51
C SER C 136 14.34 -16.81 -4.49
N ALA C 137 13.07 -17.17 -4.69
CA ALA C 137 12.21 -16.37 -5.53
C ALA C 137 11.91 -15.04 -4.85
N GLU C 138 11.69 -14.01 -5.65
CA GLU C 138 11.47 -12.69 -5.08
C GLU C 138 9.99 -12.42 -4.85
N THR C 139 9.71 -11.46 -3.96
CA THR C 139 8.36 -10.99 -3.70
C THR C 139 7.74 -10.40 -4.97
N THR C 140 6.48 -10.78 -5.25
CA THR C 140 5.72 -10.27 -6.38
C THR C 140 4.39 -9.69 -5.91
N ALA C 141 4.14 -8.38 -6.21
CA ALA C 141 2.85 -7.84 -5.80
C ALA C 141 1.77 -8.25 -6.79
N PRO C 142 0.53 -8.37 -6.34
CA PRO C 142 -0.57 -8.78 -7.21
C PRO C 142 -1.05 -7.63 -8.07
N SER C 143 -1.66 -8.00 -9.19
CA SER C 143 -2.54 -7.11 -9.94
C SER C 143 -3.96 -7.36 -9.46
N VAL C 144 -4.73 -6.29 -9.30
CA VAL C 144 -6.09 -6.38 -8.77
C VAL C 144 -7.06 -5.85 -9.81
N TYR C 145 -8.03 -6.73 -10.20
CA TYR C 145 -8.95 -6.40 -11.25
C TYR C 145 -10.37 -6.52 -10.71
N PRO C 146 -11.23 -5.57 -11.04
CA PRO C 146 -12.62 -5.67 -10.61
C PRO C 146 -13.37 -6.66 -11.47
N LEU C 147 -14.26 -7.43 -10.82
CA LEU C 147 -15.13 -8.41 -11.46
C LEU C 147 -16.57 -7.94 -11.27
N ALA C 148 -17.19 -7.43 -12.34
CA ALA C 148 -18.58 -6.98 -12.31
C ALA C 148 -19.47 -7.91 -13.14
N PRO C 149 -20.76 -8.03 -12.80
CA PRO C 149 -21.69 -8.88 -13.55
C PRO C 149 -21.80 -8.45 -15.00
N MET C 158 -30.41 -9.49 -6.67
CA MET C 158 -29.15 -9.63 -5.95
C MET C 158 -27.99 -9.92 -6.90
N VAL C 159 -26.79 -9.41 -6.58
CA VAL C 159 -25.64 -9.55 -7.47
C VAL C 159 -24.42 -9.99 -6.68
N THR C 160 -23.50 -10.63 -7.40
CA THR C 160 -22.19 -10.96 -6.86
C THR C 160 -21.15 -10.16 -7.62
N LEU C 161 -20.32 -9.43 -6.88
CA LEU C 161 -19.18 -8.71 -7.40
C LEU C 161 -17.93 -9.37 -6.85
N GLY C 162 -16.81 -9.20 -7.59
CA GLY C 162 -15.59 -9.93 -7.27
C GLY C 162 -14.39 -9.02 -7.39
N CYS C 163 -13.29 -9.47 -6.82
CA CYS C 163 -11.98 -8.88 -7.09
C CYS C 163 -11.05 -10.03 -7.44
N LEU C 164 -10.38 -9.92 -8.60
CA LEU C 164 -9.37 -10.89 -8.98
C LEU C 164 -8.03 -10.37 -8.46
N VAL C 165 -7.33 -11.19 -7.71
CA VAL C 165 -6.05 -10.79 -7.09
C VAL C 165 -5.02 -11.71 -7.72
N LYS C 166 -4.37 -11.25 -8.80
CA LYS C 166 -3.65 -12.11 -9.74
C LYS C 166 -2.14 -12.00 -9.59
N GLY C 167 -1.47 -13.14 -9.44
CA GLY C 167 -0.03 -13.24 -9.63
C GLY C 167 0.82 -12.68 -8.49
N TYR C 168 0.62 -13.17 -7.27
CA TYR C 168 1.39 -12.66 -6.15
C TYR C 168 2.23 -13.77 -5.52
N PHE C 169 3.21 -13.36 -4.73
CA PHE C 169 4.07 -14.27 -4.02
C PHE C 169 4.77 -13.51 -2.90
N PRO C 170 4.92 -14.11 -1.69
CA PRO C 170 4.31 -15.38 -1.22
C PRO C 170 2.93 -15.17 -0.67
N GLU C 171 2.32 -16.22 -0.13
CA GLU C 171 1.08 -16.09 0.61
C GLU C 171 1.38 -15.36 1.92
N PRO C 172 0.38 -14.71 2.52
CA PRO C 172 -1.04 -14.61 2.15
C PRO C 172 -1.41 -13.28 1.54
N VAL C 173 -2.64 -13.20 1.02
CA VAL C 173 -3.34 -11.93 0.87
C VAL C 173 -4.63 -11.96 1.67
N THR C 174 -5.10 -10.77 2.06
CA THR C 174 -6.41 -10.60 2.68
C THR C 174 -7.24 -9.67 1.81
N VAL C 175 -8.55 -9.91 1.79
CA VAL C 175 -9.49 -9.04 1.09
C VAL C 175 -10.64 -8.71 2.02
N THR C 176 -11.00 -7.44 2.09
CA THR C 176 -12.22 -7.03 2.77
C THR C 176 -13.08 -6.23 1.80
N TRP C 177 -14.30 -5.93 2.22
CA TRP C 177 -15.27 -5.25 1.40
C TRP C 177 -15.84 -4.06 2.16
N ASN C 178 -15.71 -2.88 1.58
CA ASN C 178 -16.15 -1.63 2.20
C ASN C 178 -15.45 -1.46 3.56
N SER C 179 -14.14 -1.75 3.57
CA SER C 179 -13.32 -1.74 4.77
C SER C 179 -13.95 -2.52 5.90
N GLY C 180 -14.60 -3.64 5.57
CA GLY C 180 -15.24 -4.48 6.55
C GLY C 180 -16.71 -4.19 6.77
N ALA C 181 -17.25 -3.12 6.16
CA ALA C 181 -18.66 -2.77 6.32
C ALA C 181 -19.59 -3.76 5.66
N LEU C 182 -19.13 -4.47 4.63
CA LEU C 182 -19.87 -5.59 4.07
C LEU C 182 -19.20 -6.82 4.66
N SER C 183 -19.73 -7.30 5.78
CA SER C 183 -19.17 -8.43 6.52
C SER C 183 -19.80 -9.75 6.09
N SER C 184 -21.12 -9.77 5.90
CA SER C 184 -21.81 -10.99 5.52
C SER C 184 -21.92 -11.07 4.00
N GLY C 185 -22.04 -12.30 3.51
CA GLY C 185 -22.03 -12.51 2.08
C GLY C 185 -20.66 -12.45 1.43
N VAL C 186 -19.58 -12.47 2.19
CA VAL C 186 -18.24 -12.38 1.64
C VAL C 186 -17.62 -13.78 1.60
N HIS C 187 -16.91 -14.07 0.53
CA HIS C 187 -16.12 -15.29 0.40
C HIS C 187 -14.80 -14.95 -0.25
N THR C 188 -13.70 -15.15 0.47
CA THR C 188 -12.38 -15.02 -0.12
C THR C 188 -11.89 -16.45 -0.36
N PHE C 189 -11.84 -16.86 -1.64
CA PHE C 189 -11.57 -18.23 -2.01
C PHE C 189 -10.07 -18.54 -1.93
N PRO C 190 -9.69 -19.70 -1.39
CA PRO C 190 -8.29 -20.13 -1.42
C PRO C 190 -7.68 -20.04 -2.82
N ALA C 191 -6.41 -19.61 -2.85
CA ALA C 191 -5.71 -19.36 -4.09
C ALA C 191 -5.33 -20.64 -4.83
N VAL C 192 -5.11 -20.48 -6.12
CA VAL C 192 -4.37 -21.47 -6.89
C VAL C 192 -2.93 -21.00 -7.08
N LEU C 193 -2.06 -21.96 -7.36
CA LEU C 193 -0.62 -21.71 -7.55
C LEU C 193 -0.23 -22.13 -8.96
N GLN C 194 0.39 -21.21 -9.72
CA GLN C 194 0.77 -21.44 -11.11
C GLN C 194 2.09 -20.75 -11.40
N SER C 195 3.08 -21.52 -11.88
CA SER C 195 4.42 -21.00 -12.18
C SER C 195 4.95 -20.11 -11.05
N GLY C 196 4.81 -20.59 -9.83
CA GLY C 196 5.33 -19.88 -8.66
C GLY C 196 4.54 -18.68 -8.19
N LEU C 197 3.40 -18.35 -8.82
CA LEU C 197 2.62 -17.20 -8.41
C LEU C 197 1.22 -17.65 -8.01
N TYR C 198 0.69 -17.04 -6.94
CA TYR C 198 -0.67 -17.34 -6.53
C TYR C 198 -1.69 -16.41 -7.17
N THR C 199 -2.91 -16.91 -7.38
CA THR C 199 -4.00 -16.06 -7.79
C THR C 199 -5.21 -16.45 -6.98
N LEU C 200 -5.98 -15.47 -6.50
CA LEU C 200 -7.24 -15.83 -5.86
C LEU C 200 -8.31 -14.85 -6.29
N THR C 201 -9.57 -15.18 -5.96
CA THR C 201 -10.63 -14.20 -6.06
C THR C 201 -11.33 -14.09 -4.72
N SER C 202 -11.86 -12.90 -4.46
CA SER C 202 -12.78 -12.64 -3.35
C SER C 202 -14.10 -12.16 -3.95
N SER C 203 -15.21 -12.59 -3.36
CA SER C 203 -16.51 -12.14 -3.83
C SER C 203 -17.36 -11.62 -2.68
N VAL C 204 -18.28 -10.73 -3.02
CA VAL C 204 -19.31 -10.29 -2.09
C VAL C 204 -20.66 -10.32 -2.79
N THR C 205 -21.71 -10.68 -2.04
CA THR C 205 -23.06 -10.76 -2.57
C THR C 205 -23.94 -9.60 -2.11
N VAL C 216 -19.42 0.28 -3.73
CA VAL C 216 -18.79 -0.89 -3.10
C VAL C 216 -17.37 -1.16 -3.62
N THR C 217 -16.50 -1.55 -2.69
CA THR C 217 -15.06 -1.47 -2.89
C THR C 217 -14.41 -2.66 -2.22
N CYS C 218 -13.53 -3.38 -2.92
CA CYS C 218 -12.70 -4.36 -2.22
C CYS C 218 -11.37 -3.76 -1.81
N ASN C 219 -10.93 -4.14 -0.62
CA ASN C 219 -9.64 -3.68 -0.09
C ASN C 219 -8.72 -4.90 -0.09
N VAL C 220 -7.70 -4.88 -0.95
CA VAL C 220 -6.74 -5.99 -1.03
C VAL C 220 -5.48 -5.58 -0.28
N ALA C 221 -4.96 -6.47 0.57
CA ALA C 221 -3.64 -6.24 1.19
C ALA C 221 -2.76 -7.46 0.90
N HIS C 222 -1.53 -7.20 0.45
CA HIS C 222 -0.50 -8.23 0.27
C HIS C 222 0.66 -7.82 1.15
N PRO C 223 0.69 -8.27 2.41
CA PRO C 223 1.65 -7.70 3.37
C PRO C 223 3.09 -7.90 3.00
N ALA C 224 3.46 -9.01 2.33
CA ALA C 224 4.87 -9.17 1.96
C ALA C 224 5.37 -8.03 1.06
N SER C 225 4.49 -7.41 0.29
CA SER C 225 4.90 -6.34 -0.61
C SER C 225 4.38 -4.97 -0.19
N SER C 226 3.79 -4.86 1.02
CA SER C 226 3.16 -3.63 1.50
C SER C 226 2.11 -3.06 0.53
N THR C 227 1.53 -3.91 -0.31
CA THR C 227 0.45 -3.49 -1.21
C THR C 227 -0.88 -3.36 -0.48
N LYS C 228 -1.57 -2.25 -0.74
CA LYS C 228 -2.95 -2.00 -0.32
C LYS C 228 -3.67 -1.40 -1.52
N VAL C 229 -4.60 -2.14 -2.12
CA VAL C 229 -5.37 -1.61 -3.24
C VAL C 229 -6.81 -1.53 -2.78
N ASP C 230 -7.41 -0.37 -2.98
CA ASP C 230 -8.87 -0.25 -3.00
C ASP C 230 -9.34 -0.29 -4.44
N LYS C 231 -10.45 -0.99 -4.66
CA LYS C 231 -10.97 -1.22 -6.00
C LYS C 231 -12.49 -1.09 -5.89
N LYS C 232 -13.03 0.04 -6.32
CA LYS C 232 -14.47 0.13 -6.44
C LYS C 232 -14.90 -0.67 -7.66
N ILE C 233 -15.98 -1.43 -7.50
CA ILE C 233 -16.51 -2.23 -8.60
C ILE C 233 -17.47 -1.38 -9.39
N VAL C 234 -17.22 -1.23 -10.69
CA VAL C 234 -18.00 -0.35 -11.53
C VAL C 234 -18.93 -1.17 -12.44
N PRO C 235 -20.16 -0.73 -12.70
CA PRO C 235 -21.03 -1.38 -13.70
C PRO C 235 -20.55 -1.16 -15.13
N PCA D 20 10.85 -37.76 22.79
CA PCA D 20 11.13 -38.93 23.71
CB PCA D 20 11.24 -38.42 25.13
CG PCA D 20 10.73 -36.96 25.10
CD PCA D 20 10.56 -36.58 23.65
OE PCA D 20 10.25 -35.41 23.27
C PCA D 20 10.02 -40.05 23.67
O PCA D 20 10.12 -41.14 24.31
N PHE D 21 8.93 -39.72 22.99
CA PHE D 21 7.90 -40.73 22.57
C PHE D 21 7.19 -40.10 21.39
N VAL D 22 6.34 -40.90 20.70
CA VAL D 22 5.51 -40.48 19.58
C VAL D 22 4.06 -40.63 20.01
N LEU D 23 3.20 -39.76 19.52
CA LEU D 23 1.76 -39.94 19.70
C LEU D 23 1.15 -40.21 18.34
N THR D 24 0.45 -41.33 18.23
CA THR D 24 -0.04 -41.71 16.92
C THR D 24 -1.56 -41.53 16.87
N GLN D 25 -2.00 -40.76 15.89
CA GLN D 25 -3.43 -40.53 15.55
C GLN D 25 -3.75 -40.98 14.16
N PRO D 26 -4.93 -41.55 13.97
CA PRO D 26 -5.34 -41.84 12.60
C PRO D 26 -5.35 -40.57 11.74
N ASN D 27 -5.18 -40.76 10.43
CA ASN D 27 -5.22 -39.64 9.51
C ASN D 27 -6.60 -38.96 9.40
N SER D 28 -7.70 -39.74 9.33
CA SER D 28 -8.98 -39.11 9.09
C SER D 28 -10.09 -40.09 9.48
N VAL D 29 -11.21 -39.50 9.89
CA VAL D 29 -12.44 -40.27 10.11
C VAL D 29 -13.54 -39.50 9.42
N SER D 30 -14.45 -40.25 8.77
CA SER D 30 -15.67 -39.68 8.18
C SER D 30 -16.86 -40.30 8.92
N THR D 31 -17.70 -39.41 9.46
CA THR D 31 -18.84 -39.87 10.29
C THR D 31 -20.13 -39.16 9.84
N ASN D 32 -21.21 -39.20 10.61
CA ASN D 32 -22.52 -38.73 10.14
C ASN D 32 -23.10 -37.84 11.22
N LEU D 33 -23.75 -36.73 10.81
CA LEU D 33 -24.46 -35.86 11.73
C LEU D 33 -25.22 -36.65 12.76
N GLY D 34 -24.92 -36.32 14.06
CA GLY D 34 -25.63 -36.96 15.16
C GLY D 34 -24.96 -38.21 15.75
N SER D 35 -23.96 -38.76 15.09
CA SER D 35 -23.23 -39.93 15.58
C SER D 35 -22.31 -39.57 16.73
N THR D 36 -21.93 -40.59 17.49
CA THR D 36 -20.76 -40.48 18.36
C THR D 36 -19.50 -40.86 17.58
N VAL D 37 -18.40 -40.19 17.82
CA VAL D 37 -17.16 -40.54 17.15
C VAL D 37 -16.04 -40.46 18.19
N LYS D 38 -15.10 -41.40 18.13
CA LYS D 38 -13.99 -41.41 19.08
CA LYS D 38 -13.99 -41.48 19.08
C LYS D 38 -12.68 -41.31 18.30
N LEU D 39 -11.85 -40.34 18.70
CA LEU D 39 -10.57 -40.03 18.03
C LEU D 39 -9.49 -40.46 19.00
N SER D 40 -8.59 -41.33 18.55
CA SER D 40 -7.58 -41.96 19.42
C SER D 40 -6.19 -41.37 19.24
N CYS D 41 -5.41 -41.48 20.31
CA CYS D 41 -4.07 -40.86 20.39
C CYS D 41 -3.22 -41.83 21.18
N LYS D 42 -2.37 -42.64 20.52
CA LYS D 42 -1.66 -43.76 21.17
C LYS D 42 -0.23 -43.34 21.48
N ARG D 43 0.21 -43.49 22.73
CA ARG D 43 1.59 -43.17 23.10
C ARG D 43 2.50 -44.38 22.87
N SER D 44 3.64 -44.15 22.20
CA SER D 44 4.46 -45.25 21.69
C SER D 44 5.22 -45.97 22.80
N THR D 45 5.71 -45.21 23.78
CA THR D 45 6.49 -45.79 24.87
C THR D 45 6.24 -44.97 26.12
N GLY D 46 6.19 -45.64 27.27
CA GLY D 46 5.77 -44.95 28.47
C GLY D 46 4.26 -44.85 28.58
N ASN D 47 3.78 -44.86 29.82
CA ASN D 47 2.37 -44.84 30.14
C ASN D 47 1.72 -43.54 29.68
N ILE D 48 0.68 -43.68 28.85
CA ILE D 48 -0.18 -42.56 28.45
C ILE D 48 -0.63 -41.75 29.68
N GLY D 49 -0.91 -42.44 30.79
CA GLY D 49 -1.38 -41.69 31.93
C GLY D 49 -0.31 -41.05 32.79
N SER D 50 0.96 -41.15 32.37
CA SER D 50 2.04 -40.63 33.22
C SER D 50 2.19 -39.11 33.14
N ASN D 51 1.63 -38.48 32.13
CA ASN D 51 1.57 -37.03 32.06
C ASN D 51 0.27 -36.68 31.38
N TYR D 52 -0.18 -35.44 31.56
CA TYR D 52 -1.48 -35.00 31.03
C TYR D 52 -1.50 -35.01 29.51
N VAL D 53 -2.67 -35.34 28.94
CA VAL D 53 -2.90 -35.28 27.52
C VAL D 53 -3.94 -34.20 27.28
N ASN D 54 -3.68 -33.37 26.28
CA ASN D 54 -4.55 -32.26 25.89
C ASN D 54 -4.97 -32.44 24.44
N TRP D 55 -6.12 -31.84 24.09
CA TRP D 55 -6.65 -31.96 22.75
C TRP D 55 -6.95 -30.55 22.19
N TYR D 56 -6.49 -30.28 20.98
CA TYR D 56 -6.70 -28.99 20.31
C TYR D 56 -7.49 -29.20 19.02
N GLN D 57 -8.42 -28.28 18.76
CA GLN D 57 -9.20 -28.29 17.53
C GLN D 57 -8.63 -27.24 16.61
N GLN D 58 -8.50 -27.54 15.31
CA GLN D 58 -8.00 -26.49 14.41
C GLN D 58 -8.89 -26.48 13.18
N HIS D 59 -9.67 -25.41 13.04
CA HIS D 59 -10.45 -25.20 11.82
C HIS D 59 -9.54 -24.73 10.68
N GLU D 60 -10.01 -24.94 9.47
CA GLU D 60 -9.30 -24.56 8.26
C GLU D 60 -8.84 -23.12 8.31
N GLY D 61 -7.53 -22.94 8.15
CA GLY D 61 -7.03 -21.60 8.04
C GLY D 61 -6.94 -20.85 9.35
N ARG D 62 -7.17 -21.52 10.48
CA ARG D 62 -7.22 -20.85 11.80
C ARG D 62 -6.20 -21.43 12.79
N SER D 63 -5.95 -20.73 13.88
CA SER D 63 -5.11 -21.26 14.94
C SER D 63 -5.79 -22.33 15.78
N PRO D 64 -5.03 -23.21 16.42
CA PRO D 64 -5.66 -24.19 17.33
C PRO D 64 -6.35 -23.54 18.53
N THR D 65 -7.37 -24.24 19.07
CA THR D 65 -7.95 -23.85 20.35
C THR D 65 -8.09 -25.10 21.21
N THR D 66 -8.16 -24.91 22.54
CA THR D 66 -8.27 -26.06 23.43
C THR D 66 -9.66 -26.63 23.53
N MET D 67 -9.78 -27.91 23.24
CA MET D 67 -11.04 -28.63 23.52
C MET D 67 -11.01 -29.34 24.87
N ILE D 68 -9.89 -29.96 25.21
CA ILE D 68 -9.75 -30.70 26.47
C ILE D 68 -8.34 -30.41 27.01
N TYR D 69 -8.25 -30.21 28.30
CA TYR D 69 -6.92 -30.15 28.93
C TYR D 69 -6.92 -31.03 30.16
N ARG D 70 -5.72 -31.38 30.65
CA ARG D 70 -5.58 -32.22 31.85
C ARG D 70 -6.42 -33.51 31.73
N ASP D 71 -6.29 -34.17 30.58
CA ASP D 71 -6.96 -35.42 30.23
C ASP D 71 -8.45 -35.28 29.92
N ASP D 72 -9.21 -34.55 30.75
CA ASP D 72 -10.66 -34.61 30.64
C ASP D 72 -11.36 -33.32 31.04
N LYS D 73 -10.66 -32.16 31.16
CA LYS D 73 -11.30 -30.93 31.57
C LYS D 73 -11.64 -30.11 30.34
N ARG D 74 -12.83 -29.48 30.34
CA ARG D 74 -13.27 -28.64 29.21
C ARG D 74 -13.12 -27.16 29.56
N PRO D 75 -12.42 -26.37 28.77
CA PRO D 75 -12.52 -24.91 28.90
C PRO D 75 -13.97 -24.41 28.80
N ASP D 76 -14.24 -23.33 29.54
CA ASP D 76 -15.49 -22.61 29.43
C ASP D 76 -15.84 -22.40 27.97
N GLY D 77 -17.06 -22.82 27.60
CA GLY D 77 -17.51 -22.58 26.27
C GLY D 77 -17.37 -23.75 25.33
N VAL D 78 -16.58 -24.75 25.67
CA VAL D 78 -16.55 -25.96 24.86
C VAL D 78 -17.77 -26.80 25.23
N PRO D 79 -18.61 -27.23 24.29
CA PRO D 79 -19.81 -27.95 24.70
C PRO D 79 -19.53 -29.36 25.23
N ASP D 80 -20.46 -29.81 26.09
CA ASP D 80 -20.30 -31.04 26.82
C ASP D 80 -20.44 -32.25 25.93
N ARG D 81 -20.69 -32.04 24.64
CA ARG D 81 -20.61 -33.10 23.64
CA ARG D 81 -20.65 -33.19 23.76
C ARG D 81 -19.21 -33.66 23.51
N PHE D 82 -18.18 -32.88 23.91
CA PHE D 82 -16.78 -33.28 23.84
C PHE D 82 -16.36 -33.82 25.21
N SER D 83 -15.68 -34.95 25.22
CA SER D 83 -15.14 -35.45 26.50
C SER D 83 -13.84 -36.16 26.22
N GLY D 84 -12.95 -36.12 27.21
CA GLY D 84 -11.70 -36.83 27.11
C GLY D 84 -11.62 -37.98 28.08
N SER D 85 -10.85 -38.98 27.71
CA SER D 85 -10.62 -40.14 28.56
C SER D 85 -9.24 -40.70 28.21
N ILE D 86 -8.76 -41.55 29.10
CA ILE D 86 -7.53 -42.31 28.97
C ILE D 86 -7.83 -43.80 29.07
N ASP D 87 -7.33 -44.57 28.12
CA ASP D 87 -7.56 -46.01 28.03
C ASP D 87 -6.20 -46.67 28.22
N ARG D 88 -5.96 -47.14 29.44
CA ARG D 88 -4.65 -47.73 29.69
C ARG D 88 -4.46 -49.02 28.90
N SER D 89 -5.54 -49.79 28.67
CA SER D 89 -5.43 -51.02 27.88
C SER D 89 -4.66 -50.81 26.58
N SER D 90 -5.01 -49.77 25.84
CA SER D 90 -4.41 -49.48 24.55
C SER D 90 -3.35 -48.40 24.63
N ASN D 91 -2.96 -48.01 25.81
CA ASN D 91 -2.03 -46.84 26.01
C ASN D 91 -2.41 -45.63 25.13
N SER D 92 -3.71 -45.25 25.15
CA SER D 92 -4.20 -44.19 24.30
C SER D 92 -5.11 -43.22 25.04
N ALA D 93 -5.12 -41.98 24.60
CA ALA D 93 -6.09 -40.99 25.00
C ALA D 93 -7.18 -40.99 23.94
N LEU D 94 -8.37 -40.60 24.34
CA LEU D 94 -9.52 -40.65 23.41
C LEU D 94 -10.29 -39.35 23.55
N LEU D 95 -10.64 -38.73 22.43
CA LEU D 95 -11.54 -37.61 22.43
C LEU D 95 -12.86 -38.12 21.88
N THR D 96 -13.90 -38.12 22.70
CA THR D 96 -15.21 -38.60 22.25
C THR D 96 -16.05 -37.38 21.94
N ILE D 97 -16.74 -37.40 20.79
CA ILE D 97 -17.65 -36.32 20.43
C ILE D 97 -19.00 -37.01 20.24
N ASN D 98 -19.96 -36.71 21.12
CA ASN D 98 -21.34 -37.17 20.97
C ASN D 98 -22.12 -36.23 20.07
N ASN D 99 -23.19 -36.75 19.49
CA ASN D 99 -24.09 -35.90 18.70
C ASN D 99 -23.32 -34.96 17.78
N VAL D 100 -22.42 -35.53 16.97
CA VAL D 100 -21.47 -34.73 16.20
C VAL D 100 -22.18 -33.83 15.18
N GLN D 101 -21.64 -32.61 15.03
CA GLN D 101 -22.29 -31.56 14.26
C GLN D 101 -21.37 -31.12 13.14
N THR D 102 -22.01 -30.51 12.11
CA THR D 102 -21.13 -30.20 10.98
C THR D 102 -20.09 -29.15 11.38
N GLU D 103 -20.39 -28.29 12.38
CA GLU D 103 -19.38 -27.34 12.92
C GLU D 103 -18.20 -28.01 13.60
N ASP D 104 -18.25 -29.31 13.88
CA ASP D 104 -17.13 -30.02 14.49
C ASP D 104 -16.12 -30.48 13.44
N GLU D 105 -16.41 -30.27 12.14
CA GLU D 105 -15.42 -30.67 11.14
C GLU D 105 -14.18 -29.78 11.32
N ALA D 106 -13.01 -30.46 11.45
CA ALA D 106 -11.77 -29.76 11.86
C ALA D 106 -10.69 -30.82 11.92
N ASP D 107 -9.46 -30.35 12.17
CA ASP D 107 -8.34 -31.22 12.49
CA ASP D 107 -8.35 -31.23 12.50
C ASP D 107 -8.21 -31.21 14.01
N TYR D 108 -8.06 -32.37 14.60
CA TYR D 108 -7.91 -32.53 16.07
C TYR D 108 -6.55 -33.07 16.40
N PHE D 109 -5.80 -32.33 17.23
CA PHE D 109 -4.44 -32.77 17.63
C PHE D 109 -4.38 -33.11 19.12
N CYS D 110 -3.78 -34.25 19.48
CA CYS D 110 -3.48 -34.53 20.89
C CYS D 110 -2.05 -34.05 21.19
N HIS D 111 -1.80 -33.86 22.46
CA HIS D 111 -0.51 -33.27 22.89
C HIS D 111 -0.20 -33.87 24.24
N SER D 112 1.08 -34.22 24.48
CA SER D 112 1.52 -34.57 25.84
C SER D 112 2.99 -34.22 25.94
N TYR D 113 3.66 -34.71 27.01
CA TYR D 113 5.06 -34.30 27.16
C TYR D 113 5.73 -35.22 28.17
N SER D 114 7.08 -35.11 28.25
CA SER D 114 7.79 -35.72 29.32
C SER D 114 9.03 -34.84 29.41
N SER D 115 10.19 -35.29 28.96
CA SER D 115 11.35 -34.43 28.84
C SER D 115 11.27 -33.47 27.65
N GLY D 116 10.49 -33.81 26.62
CA GLY D 116 10.16 -32.91 25.52
C GLY D 116 8.65 -32.80 25.33
N ILE D 117 8.25 -32.07 24.29
CA ILE D 117 6.84 -31.76 24.04
C ILE D 117 6.46 -32.36 22.70
N VAL D 118 5.38 -33.15 22.72
CA VAL D 118 5.01 -34.06 21.61
C VAL D 118 3.58 -33.81 21.18
N PHE D 119 3.39 -33.69 19.88
CA PHE D 119 2.05 -33.61 19.29
C PHE D 119 1.77 -34.86 18.46
N GLY D 120 0.53 -35.29 18.49
CA GLY D 120 0.14 -36.30 17.51
C GLY D 120 0.01 -35.66 16.13
N GLY D 121 -0.17 -36.51 15.10
CA GLY D 121 -0.13 -36.00 13.74
C GLY D 121 -1.42 -35.36 13.26
N GLY D 122 -2.50 -35.35 14.07
CA GLY D 122 -3.80 -34.73 13.74
C GLY D 122 -4.70 -35.71 13.01
N THR D 123 -5.95 -35.71 13.43
CA THR D 123 -7.03 -36.45 12.73
C THR D 123 -7.97 -35.42 12.16
N LYS D 124 -8.22 -35.53 10.82
CA LYS D 124 -9.23 -34.75 10.13
C LYS D 124 -10.59 -35.39 10.24
N LEU D 125 -11.52 -34.67 10.82
CA LEU D 125 -12.88 -35.20 11.00
C LEU D 125 -13.76 -34.59 9.93
N THR D 126 -14.45 -35.47 9.15
CA THR D 126 -15.43 -35.06 8.15
C THR D 126 -16.81 -35.55 8.65
N VAL D 127 -17.86 -34.72 8.51
CA VAL D 127 -19.20 -35.01 9.01
C VAL D 127 -20.14 -34.96 7.81
N LEU D 128 -20.71 -36.10 7.46
CA LEU D 128 -21.71 -36.18 6.40
C LEU D 128 -23.10 -36.11 7.00
N GLY D 129 -24.08 -36.01 6.12
CA GLY D 129 -25.48 -36.02 6.55
C GLY D 129 -26.25 -34.75 6.47
N GLN D 130 -25.67 -33.63 6.12
CA GLN D 130 -26.50 -32.53 5.69
C GLN D 130 -27.10 -32.91 4.36
N PRO D 131 -28.15 -32.20 3.94
CA PRO D 131 -28.77 -32.48 2.66
C PRO D 131 -27.84 -32.10 1.53
N LYS D 132 -27.83 -32.95 0.51
CA LYS D 132 -27.21 -32.58 -0.77
C LYS D 132 -27.54 -31.14 -1.14
N SER D 133 -26.51 -30.33 -1.33
CA SER D 133 -26.66 -28.95 -1.78
C SER D 133 -25.85 -28.78 -3.05
N THR D 134 -26.52 -28.50 -4.13
CA THR D 134 -25.90 -28.49 -5.43
C THR D 134 -25.21 -27.14 -5.63
N PRO D 135 -23.99 -27.13 -6.13
CA PRO D 135 -23.21 -25.87 -6.19
C PRO D 135 -23.93 -24.79 -6.98
N THR D 136 -23.62 -23.55 -6.61
CA THR D 136 -23.94 -22.36 -7.39
C THR D 136 -22.68 -21.87 -8.09
N LEU D 137 -22.81 -21.51 -9.38
CA LEU D 137 -21.70 -20.99 -10.17
C LEU D 137 -21.88 -19.51 -10.44
N THR D 138 -20.75 -18.79 -10.42
CA THR D 138 -20.63 -17.41 -10.84
C THR D 138 -19.42 -17.34 -11.77
N VAL D 139 -19.60 -16.87 -13.00
CA VAL D 139 -18.48 -16.80 -13.94
C VAL D 139 -18.22 -15.34 -14.26
N PHE D 140 -16.94 -14.97 -14.37
CA PHE D 140 -16.61 -13.62 -14.83
C PHE D 140 -15.66 -13.67 -16.02
N PRO D 141 -15.87 -12.81 -17.03
CA PRO D 141 -14.93 -12.67 -18.16
C PRO D 141 -13.70 -11.86 -17.76
N PRO D 142 -12.69 -11.78 -18.63
CA PRO D 142 -11.56 -10.88 -18.31
C PRO D 142 -12.00 -9.43 -18.26
N SER D 143 -11.39 -8.68 -17.35
CA SER D 143 -11.69 -7.25 -17.20
C SER D 143 -11.05 -6.47 -18.33
N THR D 144 -11.58 -5.27 -18.61
CA THR D 144 -10.96 -4.43 -19.62
C THR D 144 -9.52 -4.15 -19.27
N GLU D 145 -9.26 -3.90 -17.98
CA GLU D 145 -7.92 -3.69 -17.46
C GLU D 145 -6.96 -4.80 -17.89
N GLU D 146 -7.33 -6.06 -17.65
CA GLU D 146 -6.41 -7.15 -17.95
C GLU D 146 -6.20 -7.28 -19.46
N LEU D 147 -7.26 -7.13 -20.24
CA LEU D 147 -7.13 -7.29 -21.69
C LEU D 147 -6.20 -6.26 -22.35
N GLN D 148 -6.01 -5.09 -21.75
CA GLN D 148 -5.06 -4.16 -22.35
C GLN D 148 -3.63 -4.68 -22.27
N GLY D 149 -3.36 -5.61 -21.35
CA GLY D 149 -2.09 -6.28 -21.26
C GLY D 149 -1.99 -7.51 -22.12
N ASN D 150 -3.00 -7.76 -22.96
CA ASN D 150 -3.06 -8.93 -23.84
C ASN D 150 -3.01 -10.23 -23.05
N LYS D 151 -3.53 -10.19 -21.81
CA LYS D 151 -3.79 -11.37 -21.00
C LYS D 151 -5.29 -11.44 -20.71
N ALA D 152 -5.79 -12.65 -20.47
CA ALA D 152 -7.19 -12.85 -20.10
C ALA D 152 -7.32 -14.00 -19.11
N THR D 153 -7.93 -13.72 -17.95
CA THR D 153 -8.23 -14.75 -16.97
C THR D 153 -9.74 -14.90 -16.82
N LEU D 154 -10.24 -16.11 -17.06
CA LEU D 154 -11.66 -16.45 -16.87
C LEU D 154 -11.86 -17.02 -15.47
N VAL D 155 -12.89 -16.59 -14.76
CA VAL D 155 -13.02 -16.90 -13.34
C VAL D 155 -14.30 -17.70 -13.17
N CYS D 156 -14.23 -18.80 -12.42
CA CYS D 156 -15.43 -19.57 -12.12
C CYS D 156 -15.44 -19.82 -10.62
N LEU D 157 -16.46 -19.27 -9.96
CA LEU D 157 -16.59 -19.37 -8.51
C LEU D 157 -17.67 -20.40 -8.17
N ILE D 158 -17.36 -21.33 -7.27
CA ILE D 158 -18.22 -22.47 -6.94
C ILE D 158 -18.55 -22.38 -5.45
N SER D 159 -19.82 -22.22 -5.11
CA SER D 159 -20.14 -22.04 -3.69
C SER D 159 -21.42 -22.78 -3.30
N ASP D 160 -21.72 -22.75 -2.00
CA ASP D 160 -23.00 -23.25 -1.48
C ASP D 160 -23.16 -24.75 -1.79
N PHE D 161 -22.11 -25.52 -1.54
CA PHE D 161 -22.25 -26.97 -1.71
C PHE D 161 -21.80 -27.77 -0.48
N TYR D 162 -22.46 -28.95 -0.31
CA TYR D 162 -22.21 -29.93 0.74
C TYR D 162 -22.70 -31.27 0.12
N PRO D 163 -21.89 -32.33 0.21
CA PRO D 163 -20.57 -32.38 0.81
C PRO D 163 -19.51 -31.79 -0.14
N SER D 164 -18.25 -32.10 0.12
CA SER D 164 -17.20 -31.26 -0.42
C SER D 164 -16.66 -31.72 -1.78
N ASP D 165 -16.88 -32.95 -2.22
CA ASP D 165 -16.23 -33.40 -3.47
C ASP D 165 -16.90 -32.74 -4.71
N VAL D 166 -16.09 -32.21 -5.63
CA VAL D 166 -16.55 -31.63 -6.89
C VAL D 166 -15.57 -31.96 -8.01
N GLU D 167 -16.06 -32.03 -9.25
CA GLU D 167 -15.21 -32.23 -10.43
C GLU D 167 -15.45 -31.04 -11.36
N VAL D 168 -14.38 -30.36 -11.78
CA VAL D 168 -14.52 -29.11 -12.52
C VAL D 168 -13.90 -29.25 -13.91
N ALA D 169 -14.67 -28.87 -14.95
CA ALA D 169 -14.11 -28.90 -16.30
C ALA D 169 -14.44 -27.60 -17.02
N TRP D 170 -13.63 -27.29 -18.04
CA TRP D 170 -13.89 -26.17 -18.93
C TRP D 170 -14.07 -26.65 -20.38
N LYS D 171 -15.01 -26.02 -21.08
CA LYS D 171 -15.18 -26.19 -22.51
C LYS D 171 -14.88 -24.88 -23.22
N ALA D 172 -14.48 -24.97 -24.48
CA ALA D 172 -14.41 -23.82 -25.38
C ALA D 172 -15.11 -24.20 -26.67
N ASN D 173 -16.05 -23.35 -27.12
CA ASN D 173 -16.94 -23.74 -28.22
C ASN D 173 -17.53 -25.12 -27.97
N GLY D 174 -17.86 -25.41 -26.71
CA GLY D 174 -18.50 -26.67 -26.37
C GLY D 174 -17.58 -27.88 -26.31
N ALA D 175 -16.31 -27.71 -26.61
CA ALA D 175 -15.29 -28.75 -26.60
C ALA D 175 -14.41 -28.64 -25.37
N PRO D 176 -14.08 -29.77 -24.72
CA PRO D 176 -13.28 -29.70 -23.49
C PRO D 176 -11.92 -29.07 -23.75
N ILE D 177 -11.46 -28.24 -22.80
CA ILE D 177 -10.10 -27.71 -22.85
C ILE D 177 -9.50 -27.79 -21.47
N SER D 178 -8.21 -28.12 -21.41
CA SER D 178 -7.50 -28.23 -20.14
C SER D 178 -6.26 -27.36 -20.09
N GLN D 179 -5.82 -26.86 -21.23
CA GLN D 179 -4.69 -25.94 -21.27
C GLN D 179 -5.03 -24.63 -20.54
N GLY D 180 -4.24 -24.28 -19.55
CA GLY D 180 -4.44 -23.00 -18.90
C GLY D 180 -5.47 -23.03 -17.81
N VAL D 181 -5.91 -24.21 -17.40
CA VAL D 181 -6.89 -24.39 -16.34
C VAL D 181 -6.15 -24.59 -15.01
N ASP D 182 -6.56 -23.83 -13.99
CA ASP D 182 -6.08 -24.02 -12.62
C ASP D 182 -7.31 -24.02 -11.70
N THR D 183 -7.43 -25.05 -10.85
CA THR D 183 -8.62 -25.28 -10.01
C THR D 183 -8.18 -25.53 -8.58
N ALA D 184 -8.79 -24.85 -7.60
CA ALA D 184 -8.45 -25.04 -6.19
C ALA D 184 -9.30 -26.17 -5.59
N ASN D 185 -8.72 -26.90 -4.63
CA ASN D 185 -9.47 -27.91 -3.89
C ASN D 185 -10.52 -27.24 -3.02
N PRO D 186 -11.65 -27.87 -2.83
CA PRO D 186 -12.68 -27.28 -2.00
C PRO D 186 -12.20 -27.15 -0.57
N THR D 187 -12.71 -26.12 0.07
CA THR D 187 -12.37 -25.65 1.39
C THR D 187 -13.65 -25.28 2.11
N LYS D 188 -13.70 -25.60 3.38
CA LYS D 188 -14.82 -25.17 4.19
C LYS D 188 -14.59 -23.73 4.61
N GLN D 189 -15.61 -22.91 4.41
CA GLN D 189 -15.57 -21.51 4.79
C GLN D 189 -16.99 -21.18 5.22
N GLY D 190 -17.16 -21.03 6.54
CA GLY D 190 -18.48 -20.82 7.10
C GLY D 190 -19.21 -22.13 7.28
N ASN D 191 -20.46 -22.17 6.81
CA ASN D 191 -21.37 -23.30 7.00
C ASN D 191 -21.15 -24.39 5.95
N LYS D 192 -20.75 -24.03 4.72
CA LYS D 192 -20.58 -24.98 3.63
C LYS D 192 -19.20 -24.87 2.98
N TYR D 193 -19.02 -25.52 1.84
CA TYR D 193 -17.76 -25.55 1.09
C TYR D 193 -17.76 -24.56 -0.10
N ILE D 194 -16.55 -24.10 -0.50
CA ILE D 194 -16.34 -23.25 -1.69
C ILE D 194 -15.14 -23.81 -2.46
N ALA D 195 -15.05 -23.44 -3.75
CA ALA D 195 -13.92 -23.76 -4.62
C ALA D 195 -13.91 -22.74 -5.75
N SER D 196 -12.80 -22.65 -6.50
CA SER D 196 -12.68 -21.73 -7.63
C SER D 196 -11.88 -22.40 -8.76
N SER D 197 -12.10 -21.96 -10.00
CA SER D 197 -11.33 -22.47 -11.13
C SER D 197 -11.09 -21.32 -12.07
N PHE D 198 -9.93 -21.32 -12.73
CA PHE D 198 -9.50 -20.26 -13.64
C PHE D 198 -9.04 -20.87 -14.95
N LEU D 199 -9.31 -20.15 -16.06
CA LEU D 199 -8.81 -20.45 -17.40
C LEU D 199 -7.98 -19.25 -17.82
N ARG D 200 -6.68 -19.46 -18.03
CA ARG D 200 -5.74 -18.42 -18.41
C ARG D 200 -5.51 -18.48 -19.92
N LEU D 201 -5.72 -17.36 -20.62
CA LEU D 201 -5.52 -17.24 -22.05
C LEU D 201 -4.83 -15.92 -22.35
N THR D 202 -4.30 -15.78 -23.56
CA THR D 202 -4.00 -14.46 -24.10
C THR D 202 -5.30 -13.78 -24.54
N ALA D 203 -5.23 -12.46 -24.75
CA ALA D 203 -6.43 -11.74 -25.20
C ALA D 203 -6.94 -12.25 -26.55
N GLU D 204 -6.03 -12.60 -27.46
CA GLU D 204 -6.43 -13.09 -28.76
C GLU D 204 -7.11 -14.47 -28.66
N GLN D 205 -6.61 -15.33 -27.78
CA GLN D 205 -7.21 -16.65 -27.53
C GLN D 205 -8.61 -16.55 -26.93
N TRP D 206 -8.85 -15.51 -26.14
CA TRP D 206 -10.19 -15.25 -25.62
C TRP D 206 -11.11 -14.77 -26.73
N ARG D 207 -10.67 -13.77 -27.51
CA ARG D 207 -11.50 -13.18 -28.57
C ARG D 207 -11.79 -14.13 -29.73
N SER D 208 -10.97 -15.17 -29.89
CA SER D 208 -11.12 -16.06 -31.03
C SER D 208 -12.29 -17.03 -30.89
N ARG D 209 -12.77 -17.29 -29.67
CA ARG D 209 -13.82 -18.29 -29.47
C ARG D 209 -15.22 -17.67 -29.48
N ASN D 210 -16.21 -18.54 -29.75
CA ASN D 210 -17.61 -18.15 -29.61
C ASN D 210 -18.09 -18.20 -28.16
N SER D 211 -17.59 -19.14 -27.36
CA SER D 211 -18.00 -19.26 -25.97
C SER D 211 -16.95 -20.03 -25.18
N PHE D 212 -17.02 -19.89 -23.86
CA PHE D 212 -16.35 -20.78 -22.93
C PHE D 212 -17.35 -21.22 -21.88
N THR D 213 -17.14 -22.44 -21.33
CA THR D 213 -18.03 -22.98 -20.31
C THR D 213 -17.27 -23.52 -19.10
N CYS D 214 -17.74 -23.17 -17.90
CA CYS D 214 -17.30 -23.80 -16.65
C CYS D 214 -18.37 -24.79 -16.21
N GLN D 215 -17.97 -26.05 -16.02
CA GLN D 215 -18.90 -27.12 -15.68
C GLN D 215 -18.43 -27.83 -14.42
N VAL D 216 -19.34 -27.99 -13.45
CA VAL D 216 -19.05 -28.63 -12.17
C VAL D 216 -20.02 -29.79 -11.96
N THR D 217 -19.50 -30.91 -11.48
CA THR D 217 -20.31 -32.09 -11.11
C THR D 217 -20.13 -32.37 -9.62
N HIS D 218 -21.26 -32.54 -8.94
CA HIS D 218 -21.33 -32.73 -7.50
C HIS D 218 -22.44 -33.73 -7.22
N GLU D 219 -22.12 -34.83 -6.54
CA GLU D 219 -23.14 -35.82 -6.15
C GLU D 219 -24.04 -36.20 -7.33
N GLY D 220 -23.45 -36.36 -8.51
CA GLY D 220 -24.23 -36.84 -9.64
C GLY D 220 -25.00 -35.77 -10.38
N ASN D 221 -24.86 -34.51 -9.99
CA ASN D 221 -25.60 -33.39 -10.55
C ASN D 221 -24.60 -32.52 -11.27
N THR D 222 -24.94 -32.05 -12.47
CA THR D 222 -24.03 -31.18 -13.21
C THR D 222 -24.65 -29.80 -13.40
N VAL D 223 -23.83 -28.78 -13.22
CA VAL D 223 -24.27 -27.40 -13.39
C VAL D 223 -23.21 -26.67 -14.20
N GLU D 224 -23.63 -25.65 -14.95
CA GLU D 224 -22.68 -25.00 -15.84
C GLU D 224 -23.11 -23.57 -16.11
N LYS D 225 -22.11 -22.74 -16.35
CA LYS D 225 -22.35 -21.38 -16.86
C LYS D 225 -21.34 -21.07 -17.96
N SER D 226 -21.76 -20.24 -18.91
CA SER D 226 -20.88 -19.91 -20.04
C SER D 226 -20.62 -18.42 -20.12
N LEU D 227 -19.52 -18.10 -20.84
CA LEU D 227 -19.09 -16.74 -21.18
C LEU D 227 -18.94 -16.64 -22.69
N SER D 228 -19.35 -15.51 -23.27
CA SER D 228 -19.04 -15.26 -24.66
C SER D 228 -18.42 -13.87 -24.81
N PRO D 229 -17.32 -13.75 -25.56
CA PRO D 229 -16.60 -12.51 -25.90
C PRO D 229 -17.39 -11.51 -26.78
N GLY E 3 -14.76 41.85 -25.50
CA GLY E 3 -13.79 41.03 -26.22
C GLY E 3 -14.37 39.68 -26.63
N VAL E 4 -13.83 39.15 -27.72
CA VAL E 4 -14.17 37.82 -28.25
C VAL E 4 -13.75 36.71 -27.29
N ALA E 5 -14.56 35.63 -27.21
CA ALA E 5 -14.28 34.55 -26.27
C ALA E 5 -13.07 33.69 -26.69
N MET E 6 -12.45 33.03 -25.72
CA MET E 6 -11.43 32.11 -26.17
CA MET E 6 -11.44 31.98 -25.96
C MET E 6 -12.02 30.80 -26.73
N PRO E 7 -11.21 30.06 -27.50
CA PRO E 7 -11.73 28.85 -28.18
C PRO E 7 -12.28 27.89 -27.15
N GLY E 8 -13.50 27.51 -27.35
CA GLY E 8 -14.15 26.59 -26.44
C GLY E 8 -15.01 27.26 -25.41
N ALA E 9 -14.82 28.56 -25.18
CA ALA E 9 -15.48 29.25 -24.07
C ALA E 9 -16.64 30.13 -24.51
N GLU E 10 -16.97 30.08 -25.79
CA GLU E 10 -17.91 31.03 -26.38
C GLU E 10 -19.34 30.83 -25.90
N ASP E 11 -19.68 29.64 -25.42
CA ASP E 11 -21.00 29.37 -24.88
C ASP E 11 -21.08 29.47 -23.36
N ASP E 12 -20.00 29.94 -22.69
CA ASP E 12 -20.09 30.17 -21.24
C ASP E 12 -21.09 31.23 -20.91
N VAL E 13 -21.88 31.02 -19.85
CA VAL E 13 -23.01 31.92 -19.60
C VAL E 13 -22.55 33.33 -19.22
N VAL E 14 -21.38 33.45 -18.59
N VAL E 14 -21.47 33.45 -18.46
CA VAL E 14 -20.89 34.73 -18.04
CA VAL E 14 -20.80 34.76 -18.22
C VAL E 14 -19.35 34.76 -18.14
C VAL E 14 -19.30 34.52 -18.10
N VAL F 4 4.02 -33.30 37.07
CA VAL F 4 5.05 -32.30 36.80
C VAL F 4 4.72 -31.47 35.57
N ALA F 5 5.35 -30.31 35.48
CA ALA F 5 5.05 -29.34 34.43
C ALA F 5 5.74 -29.74 33.10
N MET F 6 5.22 -29.18 32.01
CA MET F 6 5.83 -29.26 30.68
CA MET F 6 5.93 -29.42 30.79
C MET F 6 7.16 -28.54 30.70
N PRO F 7 8.14 -28.96 29.91
CA PRO F 7 9.40 -28.18 29.84
C PRO F 7 9.17 -26.71 29.51
N GLY F 8 9.68 -25.78 30.34
CA GLY F 8 9.42 -24.40 30.11
C GLY F 8 8.30 -23.82 30.91
N ALA F 9 7.39 -24.67 31.44
CA ALA F 9 6.20 -24.19 32.11
C ALA F 9 6.27 -24.33 33.61
N GLU F 10 7.44 -24.73 34.15
CA GLU F 10 7.56 -25.06 35.56
C GLU F 10 7.36 -23.85 36.47
N ASP F 11 7.59 -22.65 35.95
CA ASP F 11 7.45 -21.45 36.77
C ASP F 11 6.12 -20.73 36.47
N ASP F 12 5.18 -21.41 35.82
CA ASP F 12 3.92 -20.74 35.57
C ASP F 12 3.16 -20.60 36.86
N VAL F 13 2.53 -19.43 37.05
CA VAL F 13 1.79 -19.27 38.29
C VAL F 13 0.48 -20.05 38.19
N VAL F 14 0.03 -20.58 39.31
CA VAL F 14 -1.23 -21.28 39.37
C VAL F 14 -2.37 -20.30 39.60
C1 EDO G . 0.43 -35.71 9.49
O1 EDO G . 0.79 -34.63 10.39
C2 EDO G . -0.71 -35.35 8.53
O2 EDO G . -1.95 -35.96 8.97
#